data_8DDD
#
_entry.id   8DDD
#
loop_
_entity.id
_entity.type
_entity.pdbx_description
1 polymer 'Cytokine receptor common subunit gamma'
2 polymer 'Interleukin-9 receptor'
#
loop_
_entity_poly.entity_id
_entity_poly.type
_entity_poly.pdbx_seq_one_letter_code
_entity_poly.pdbx_strand_id
1 'polypeptide(L)' EENPSLFALEAVLIPVGTVGLIITLIFVYFWLER A
2 'polypeptide(L)' QWSASILVVVPIFLLLTGFVHLLFKLSPRLK B
#
# COMPACT_ATOMS: atom_id res chain seq x y z
N GLU A 1 -9.41 -14.89 -28.08
CA GLU A 1 -9.02 -14.11 -26.87
C GLU A 1 -9.54 -12.67 -27.00
N GLU A 2 -10.55 -12.33 -26.21
CA GLU A 2 -11.13 -10.99 -26.22
C GLU A 2 -10.56 -10.13 -25.10
N ASN A 3 -10.26 -8.85 -25.42
CA ASN A 3 -9.70 -7.91 -24.44
C ASN A 3 -8.35 -8.42 -23.89
N PRO A 4 -7.49 -7.53 -23.38
CA PRO A 4 -6.16 -7.94 -22.84
C PRO A 4 -6.29 -8.77 -21.56
N SER A 5 -6.13 -10.09 -21.69
CA SER A 5 -6.24 -11.00 -20.54
C SER A 5 -5.11 -10.75 -19.53
N LEU A 6 -3.91 -10.44 -20.05
CA LEU A 6 -2.75 -10.19 -19.19
C LEU A 6 -2.96 -8.97 -18.29
N PHE A 7 -3.81 -8.02 -18.71
CA PHE A 7 -4.07 -6.82 -17.90
C PHE A 7 -4.89 -7.18 -16.64
N ALA A 8 -5.31 -8.44 -16.51
CA ALA A 8 -6.05 -8.89 -15.34
C ALA A 8 -5.17 -9.82 -14.50
N LEU A 9 -3.85 -9.59 -14.55
CA LEU A 9 -2.89 -10.41 -13.81
C LEU A 9 -2.72 -9.92 -12.36
N GLU A 10 -1.90 -10.64 -11.60
CA GLU A 10 -1.69 -10.34 -10.18
C GLU A 10 -0.92 -9.02 -9.90
N ALA A 11 0.13 -8.74 -10.68
CA ALA A 11 0.97 -7.55 -10.44
C ALA A 11 0.26 -6.21 -10.65
N VAL A 12 -0.87 -6.19 -11.36
CA VAL A 12 -1.56 -4.92 -11.63
C VAL A 12 -2.54 -4.52 -10.50
N LEU A 13 -3.31 -5.49 -9.99
CA LEU A 13 -4.31 -5.22 -8.95
C LEU A 13 -3.69 -5.03 -7.56
N ILE A 14 -2.67 -5.83 -7.24
CA ILE A 14 -2.01 -5.77 -5.92
C ILE A 14 -1.42 -4.36 -5.60
N PRO A 15 -0.63 -3.73 -6.48
CA PRO A 15 0.00 -2.41 -6.19
C PRO A 15 -1.03 -1.29 -6.01
N VAL A 16 -2.02 -1.24 -6.90
CA VAL A 16 -3.06 -0.21 -6.82
C VAL A 16 -3.82 -0.33 -5.49
N GLY A 17 -4.06 -1.57 -5.06
CA GLY A 17 -4.76 -1.81 -3.79
C GLY A 17 -3.95 -1.27 -2.61
N THR A 18 -2.66 -1.60 -2.59
CA THR A 18 -1.77 -1.16 -1.53
C THR A 18 -1.63 0.36 -1.53
N VAL A 19 -1.50 0.94 -2.72
CA VAL A 19 -1.39 2.40 -2.86
C VAL A 19 -2.63 3.06 -2.26
N GLY A 20 -3.80 2.49 -2.55
CA GLY A 20 -5.06 3.02 -2.01
C GLY A 20 -5.04 2.99 -0.48
N LEU A 21 -4.55 1.88 0.09
CA LEU A 21 -4.48 1.73 1.55
C LEU A 21 -3.58 2.82 2.17
N ILE A 22 -2.41 3.03 1.57
CA ILE A 22 -1.46 4.03 2.06
C ILE A 22 -2.10 5.43 2.02
N ILE A 23 -2.69 5.79 0.88
CA ILE A 23 -3.34 7.08 0.72
C ILE A 23 -4.44 7.24 1.78
N THR A 24 -5.14 6.15 2.09
CA THR A 24 -6.20 6.17 3.09
C THR A 24 -5.62 6.48 4.47
N LEU A 25 -4.47 5.89 4.77
CA LEU A 25 -3.82 6.11 6.07
C LEU A 25 -3.41 7.57 6.24
N ILE A 26 -2.76 8.15 5.23
CA ILE A 26 -2.33 9.56 5.31
C ILE A 26 -3.56 10.48 5.39
N PHE A 27 -4.62 10.16 4.65
CA PHE A 27 -5.85 10.96 4.66
C PHE A 27 -6.48 10.91 6.07
N VAL A 28 -6.40 9.73 6.68
CA VAL A 28 -6.93 9.50 8.02
C VAL A 28 -6.16 10.37 9.04
N TYR A 29 -4.84 10.38 8.90
CA TYR A 29 -3.98 11.18 9.80
C TYR A 29 -4.33 12.66 9.67
N PHE A 30 -4.49 13.12 8.43
CA PHE A 30 -4.81 14.51 8.15
C PHE A 30 -6.16 14.91 8.77
N TRP A 31 -7.15 14.02 8.62
CA TRP A 31 -8.50 14.28 9.14
C TRP A 31 -8.47 14.37 10.67
N LEU A 32 -7.78 13.43 11.31
CA LEU A 32 -7.67 13.39 12.77
C LEU A 32 -6.98 14.65 13.28
N GLU A 33 -5.91 15.06 12.59
CA GLU A 33 -5.14 16.25 12.98
C GLU A 33 -6.05 17.48 13.03
N ARG A 34 -6.00 18.21 14.14
CA ARG A 34 -6.81 19.42 14.33
C ARG A 34 -8.30 19.09 14.20
N GLN B 1 14.93 -16.81 -11.01
CA GLN B 1 13.89 -16.10 -11.83
C GLN B 1 13.28 -14.96 -11.01
N TRP B 2 13.04 -13.82 -11.66
CA TRP B 2 12.47 -12.65 -11.00
C TRP B 2 10.99 -12.49 -11.35
N SER B 3 10.22 -11.92 -10.43
CA SER B 3 8.78 -11.71 -10.63
C SER B 3 8.43 -10.23 -10.44
N ALA B 4 7.61 -9.70 -11.35
CA ALA B 4 7.19 -8.29 -11.27
C ALA B 4 6.49 -8.01 -9.95
N SER B 5 5.62 -8.94 -9.53
CA SER B 5 4.87 -8.79 -8.30
C SER B 5 5.79 -8.66 -7.08
N ILE B 6 6.86 -9.46 -7.05
CA ILE B 6 7.81 -9.44 -5.92
C ILE B 6 8.59 -8.12 -5.87
N LEU B 7 9.08 -7.66 -7.03
CA LEU B 7 9.88 -6.43 -7.09
C LEU B 7 9.03 -5.19 -6.81
N VAL B 8 7.76 -5.20 -7.20
CA VAL B 8 6.86 -4.06 -6.95
C VAL B 8 6.41 -4.06 -5.47
N VAL B 9 5.94 -5.22 -5.02
CA VAL B 9 5.45 -5.40 -3.66
C VAL B 9 6.53 -5.14 -2.60
N VAL B 10 7.82 -5.41 -2.86
CA VAL B 10 8.83 -5.17 -1.83
C VAL B 10 8.88 -3.64 -1.45
N PRO B 11 9.10 -2.73 -2.40
CA PRO B 11 9.11 -1.26 -2.09
C PRO B 11 7.76 -0.76 -1.57
N ILE B 12 6.66 -1.25 -2.15
CA ILE B 12 5.33 -0.83 -1.70
C ILE B 12 5.15 -1.23 -0.23
N PHE B 13 5.57 -2.45 0.09
CA PHE B 13 5.48 -2.97 1.45
C PHE B 13 6.31 -2.11 2.40
N LEU B 14 7.48 -1.66 1.92
CA LEU B 14 8.35 -0.80 2.73
C LEU B 14 7.60 0.49 3.09
N LEU B 15 6.92 1.07 2.09
CA LEU B 15 6.14 2.29 2.29
C LEU B 15 4.99 2.06 3.29
N LEU B 16 4.34 0.89 3.17
CA LEU B 16 3.22 0.55 4.06
C LEU B 16 3.72 0.41 5.51
N THR B 17 4.86 -0.27 5.69
CA THR B 17 5.43 -0.45 7.02
C THR B 17 5.81 0.90 7.62
N GLY B 18 6.32 1.81 6.77
CA GLY B 18 6.69 3.14 7.23
C GLY B 18 5.45 3.86 7.76
N PHE B 19 4.33 3.71 7.05
CA PHE B 19 3.06 4.33 7.44
C PHE B 19 2.57 3.76 8.78
N VAL B 20 2.67 2.43 8.94
CA VAL B 20 2.24 1.77 10.17
C VAL B 20 3.06 2.33 11.34
N HIS B 21 4.37 2.50 11.14
CA HIS B 21 5.24 3.04 12.18
C HIS B 21 4.85 4.49 12.49
N LEU B 22 4.46 5.23 11.44
CA LEU B 22 4.05 6.63 11.59
C LEU B 22 2.85 6.74 12.53
N LEU B 23 1.86 5.88 12.33
CA LEU B 23 0.65 5.89 13.16
C LEU B 23 0.92 5.34 14.56
N PHE B 24 1.72 4.27 14.64
CA PHE B 24 2.06 3.64 15.91
C PHE B 24 2.77 4.62 16.84
N LYS B 25 3.64 5.45 16.27
CA LYS B 25 4.40 6.44 17.05
C LYS B 25 3.45 7.42 17.76
N LEU B 26 2.35 7.77 17.09
CA LEU B 26 1.37 8.71 17.66
C LEU B 26 0.13 7.98 18.18
N SER B 27 0.24 6.66 18.40
CA SER B 27 -0.89 5.86 18.90
C SER B 27 -0.38 4.69 19.78
N PRO B 28 -0.47 4.79 21.12
CA PRO B 28 0.00 3.69 22.01
C PRO B 28 -1.06 2.58 22.16
N ARG B 29 -2.20 2.93 22.75
CA ARG B 29 -3.28 1.96 22.96
C ARG B 29 -4.47 2.20 22.01
N LEU B 30 -4.30 3.08 21.00
CA LEU B 30 -5.37 3.39 20.05
C LEU B 30 -5.25 2.51 18.81
N LYS B 31 -6.34 1.80 18.48
CA LYS B 31 -6.38 0.93 17.31
C LYS B 31 -7.78 0.90 16.72
N GLU A 1 -7.69 -15.82 -28.32
CA GLU A 1 -7.63 -14.35 -28.02
C GLU A 1 -7.50 -14.15 -26.52
N GLU A 2 -7.26 -12.89 -26.11
CA GLU A 2 -7.10 -12.55 -24.69
C GLU A 2 -8.46 -12.63 -23.97
N ASN A 3 -8.47 -13.36 -22.85
CA ASN A 3 -9.70 -13.52 -22.06
C ASN A 3 -9.75 -12.48 -20.91
N PRO A 4 -10.93 -11.95 -20.56
CA PRO A 4 -11.05 -10.95 -19.44
C PRO A 4 -10.49 -11.47 -18.11
N SER A 5 -10.52 -12.81 -17.94
CA SER A 5 -10.02 -13.44 -16.72
C SER A 5 -8.54 -13.09 -16.49
N LEU A 6 -7.76 -13.07 -17.59
CA LEU A 6 -6.34 -12.77 -17.50
C LEU A 6 -6.10 -11.34 -17.03
N PHE A 7 -7.06 -10.43 -17.26
CA PHE A 7 -6.87 -9.04 -16.85
C PHE A 7 -6.93 -8.88 -15.31
N ALA A 8 -7.14 -9.98 -14.59
CA ALA A 8 -7.14 -9.94 -13.12
C ALA A 8 -5.71 -10.27 -12.63
N LEU A 9 -4.70 -9.92 -13.45
CA LEU A 9 -3.29 -10.16 -13.15
C LEU A 9 -2.96 -9.81 -11.70
N GLU A 10 -1.97 -10.51 -11.16
CA GLU A 10 -1.53 -10.27 -9.79
C GLU A 10 -0.83 -8.90 -9.63
N ALA A 11 0.08 -8.59 -10.55
CA ALA A 11 0.86 -7.34 -10.49
C ALA A 11 0.02 -6.07 -10.66
N VAL A 12 -1.16 -6.18 -11.28
CA VAL A 12 -2.00 -5.00 -11.51
C VAL A 12 -2.94 -4.73 -10.32
N LEU A 13 -3.54 -5.80 -9.77
CA LEU A 13 -4.50 -5.69 -8.67
C LEU A 13 -3.85 -5.47 -7.29
N ILE A 14 -2.73 -6.14 -6.99
CA ILE A 14 -2.10 -6.04 -5.66
C ILE A 14 -1.45 -4.66 -5.39
N PRO A 15 -0.57 -4.13 -6.25
CA PRO A 15 0.10 -2.80 -5.99
C PRO A 15 -0.90 -1.64 -5.93
N VAL A 16 -1.84 -1.61 -6.87
CA VAL A 16 -2.84 -0.55 -6.91
C VAL A 16 -3.61 -0.53 -5.57
N GLY A 17 -3.92 -1.74 -5.06
CA GLY A 17 -4.62 -1.88 -3.79
C GLY A 17 -3.79 -1.32 -2.62
N THR A 18 -2.51 -1.69 -2.58
CA THR A 18 -1.62 -1.23 -1.51
C THR A 18 -1.45 0.29 -1.57
N VAL A 19 -1.30 0.83 -2.77
CA VAL A 19 -1.16 2.28 -2.94
C VAL A 19 -2.41 2.97 -2.38
N GLY A 20 -3.58 2.43 -2.71
CA GLY A 20 -4.84 3.00 -2.22
C GLY A 20 -4.88 2.97 -0.70
N LEU A 21 -4.38 1.89 -0.09
CA LEU A 21 -4.37 1.75 1.36
C LEU A 21 -3.49 2.83 2.00
N ILE A 22 -2.29 3.02 1.46
CA ILE A 22 -1.35 4.02 1.98
C ILE A 22 -1.98 5.43 1.89
N ILE A 23 -2.57 5.74 0.74
CA ILE A 23 -3.21 7.03 0.52
C ILE A 23 -4.33 7.26 1.55
N THR A 24 -5.10 6.21 1.82
CA THR A 24 -6.19 6.28 2.78
C THR A 24 -5.64 6.56 4.18
N LEU A 25 -4.52 5.91 4.52
CA LEU A 25 -3.89 6.08 5.84
C LEU A 25 -3.40 7.52 6.03
N ILE A 26 -2.78 8.12 5.01
CA ILE A 26 -2.29 9.49 5.13
C ILE A 26 -3.46 10.47 5.23
N PHE A 27 -4.53 10.24 4.46
CA PHE A 27 -5.71 11.10 4.52
C PHE A 27 -6.30 11.04 5.94
N VAL A 28 -6.32 9.82 6.50
CA VAL A 28 -6.83 9.58 7.85
C VAL A 28 -5.94 10.33 8.86
N TYR A 29 -4.63 10.34 8.61
CA TYR A 29 -3.68 11.01 9.48
C TYR A 29 -3.97 12.51 9.55
N PHE A 30 -4.17 13.14 8.39
CA PHE A 30 -4.45 14.57 8.32
C PHE A 30 -5.81 14.92 8.94
N TRP A 31 -6.82 14.08 8.69
CA TRP A 31 -8.16 14.31 9.23
C TRP A 31 -8.16 14.23 10.76
N LEU A 32 -7.52 13.21 11.30
CA LEU A 32 -7.45 13.01 12.75
C LEU A 32 -6.63 14.13 13.42
N GLU A 33 -5.48 14.46 12.82
CA GLU A 33 -4.61 15.51 13.35
C GLU A 33 -5.29 16.88 13.22
N ARG A 34 -6.02 17.08 12.11
CA ARG A 34 -6.71 18.34 11.86
C ARG A 34 -5.74 19.52 11.89
N GLN B 1 11.65 -16.14 -12.89
CA GLN B 1 10.92 -15.97 -14.18
C GLN B 1 10.00 -14.73 -14.08
N TRP B 2 10.58 -13.54 -14.28
CA TRP B 2 9.83 -12.28 -14.23
C TRP B 2 9.08 -12.18 -12.91
N SER B 3 9.63 -11.40 -11.96
CA SER B 3 9.01 -11.22 -10.65
C SER B 3 8.52 -9.76 -10.49
N ALA B 4 7.55 -9.37 -11.33
CA ALA B 4 7.01 -8.02 -11.30
C ALA B 4 6.25 -7.76 -9.99
N SER B 5 5.42 -8.73 -9.59
CA SER B 5 4.63 -8.60 -8.37
C SER B 5 5.53 -8.42 -7.14
N ILE B 6 6.59 -9.22 -7.05
CA ILE B 6 7.51 -9.16 -5.90
C ILE B 6 8.34 -7.86 -5.93
N LEU B 7 8.77 -7.45 -7.12
CA LEU B 7 9.61 -6.26 -7.25
C LEU B 7 8.85 -4.98 -6.94
N VAL B 8 7.57 -4.91 -7.32
CA VAL B 8 6.74 -3.73 -7.04
C VAL B 8 6.30 -3.75 -5.54
N VAL B 9 5.83 -4.93 -5.11
CA VAL B 9 5.35 -5.12 -3.75
C VAL B 9 6.46 -4.87 -2.70
N VAL B 10 7.74 -5.17 -3.00
CA VAL B 10 8.78 -4.94 -1.98
C VAL B 10 8.83 -3.43 -1.58
N PRO B 11 9.02 -2.49 -2.51
CA PRO B 11 9.06 -1.04 -2.17
C PRO B 11 7.74 -0.54 -1.58
N ILE B 12 6.59 -0.98 -2.13
CA ILE B 12 5.30 -0.55 -1.59
C ILE B 12 5.11 -1.08 -0.16
N PHE B 13 5.62 -2.28 0.09
CA PHE B 13 5.54 -2.89 1.42
C PHE B 13 6.37 -2.09 2.40
N LEU B 14 7.55 -1.64 1.96
CA LEU B 14 8.42 -0.82 2.82
C LEU B 14 7.68 0.46 3.22
N LEU B 15 7.06 1.10 2.22
CA LEU B 15 6.30 2.33 2.45
C LEU B 15 5.13 2.07 3.42
N LEU B 16 4.48 0.92 3.26
CA LEU B 16 3.35 0.54 4.11
C LEU B 16 3.80 0.37 5.56
N THR B 17 4.93 -0.32 5.77
CA THR B 17 5.46 -0.53 7.12
C THR B 17 5.81 0.82 7.76
N GLY B 18 6.36 1.73 6.94
CA GLY B 18 6.71 3.06 7.44
C GLY B 18 5.45 3.77 7.94
N PHE B 19 4.35 3.63 7.18
CA PHE B 19 3.07 4.22 7.54
C PHE B 19 2.58 3.63 8.88
N VAL B 20 2.75 2.31 9.03
CA VAL B 20 2.34 1.63 10.26
C VAL B 20 3.11 2.23 11.44
N HIS B 21 4.40 2.51 11.24
CA HIS B 21 5.23 3.11 12.27
C HIS B 21 4.71 4.52 12.60
N LEU B 22 4.24 5.23 11.56
CA LEU B 22 3.71 6.58 11.72
C LEU B 22 2.51 6.55 12.67
N LEU B 23 1.61 5.58 12.45
CA LEU B 23 0.42 5.43 13.29
C LEU B 23 0.83 5.01 14.72
N PHE B 24 1.85 4.14 14.81
CA PHE B 24 2.33 3.65 16.10
C PHE B 24 2.84 4.81 16.96
N LYS B 25 3.51 5.78 16.34
CA LYS B 25 4.06 6.93 17.06
C LYS B 25 2.93 7.73 17.73
N LEU B 26 1.76 7.77 17.10
CA LEU B 26 0.61 8.51 17.64
C LEU B 26 -0.31 7.61 18.50
N SER B 27 0.08 6.35 18.72
CA SER B 27 -0.72 5.43 19.52
C SER B 27 -0.57 5.72 21.04
N PRO B 28 0.65 5.68 21.59
CA PRO B 28 0.84 5.95 23.06
C PRO B 28 0.56 7.42 23.42
N ARG B 29 0.74 8.32 22.45
CA ARG B 29 0.50 9.75 22.68
C ARG B 29 -1.01 10.10 22.60
N LEU B 30 -1.85 9.10 22.27
CA LEU B 30 -3.30 9.33 22.17
C LEU B 30 -3.89 9.60 23.55
N LYS B 31 -4.73 10.65 23.64
CA LYS B 31 -5.36 11.04 24.90
C LYS B 31 -4.30 11.29 25.98
N GLU A 1 -3.46 -7.91 -29.69
CA GLU A 1 -4.76 -8.30 -30.30
C GLU A 1 -5.37 -9.44 -29.48
N GLU A 2 -6.61 -9.23 -29.00
CA GLU A 2 -7.31 -10.23 -28.21
C GLU A 2 -6.46 -10.66 -27.00
N ASN A 3 -7.05 -11.50 -26.14
CA ASN A 3 -6.36 -11.98 -24.94
C ASN A 3 -5.84 -10.79 -24.10
N PRO A 4 -6.72 -10.03 -23.45
CA PRO A 4 -6.32 -8.87 -22.60
C PRO A 4 -6.06 -9.25 -21.14
N SER A 5 -5.97 -10.56 -20.85
CA SER A 5 -5.73 -11.05 -19.49
C SER A 5 -4.39 -10.55 -18.96
N LEU A 6 -3.41 -10.40 -19.85
CA LEU A 6 -2.08 -9.93 -19.45
C LEU A 6 -2.14 -8.53 -18.82
N PHE A 7 -3.16 -7.74 -19.18
CA PHE A 7 -3.30 -6.39 -18.63
C PHE A 7 -3.72 -6.49 -17.16
N ALA A 8 -4.65 -7.41 -16.86
CA ALA A 8 -5.12 -7.61 -15.49
C ALA A 8 -4.23 -8.63 -14.74
N LEU A 9 -2.95 -8.72 -15.14
CA LEU A 9 -2.01 -9.65 -14.53
C LEU A 9 -1.90 -9.40 -13.01
N GLU A 10 -0.99 -10.11 -12.36
CA GLU A 10 -0.83 -10.02 -10.91
C GLU A 10 -0.25 -8.68 -10.42
N ALA A 11 0.76 -8.15 -11.13
CA ALA A 11 1.43 -6.91 -10.70
C ALA A 11 0.54 -5.66 -10.71
N VAL A 12 -0.58 -5.68 -11.42
CA VAL A 12 -1.47 -4.50 -11.50
C VAL A 12 -2.51 -4.45 -10.35
N LEU A 13 -2.88 -5.63 -9.85
CA LEU A 13 -3.90 -5.75 -8.80
C LEU A 13 -3.41 -5.27 -7.42
N ILE A 14 -2.15 -5.57 -7.08
CA ILE A 14 -1.61 -5.20 -5.75
C ILE A 14 -1.20 -3.69 -5.60
N PRO A 15 -0.57 -3.03 -6.58
CA PRO A 15 -0.13 -1.61 -6.42
C PRO A 15 -1.30 -0.65 -6.22
N VAL A 16 -2.36 -0.81 -7.02
CA VAL A 16 -3.53 0.05 -6.91
C VAL A 16 -4.18 -0.14 -5.53
N GLY A 17 -4.31 -1.40 -5.11
CA GLY A 17 -4.91 -1.72 -3.81
C GLY A 17 -4.08 -1.14 -2.65
N THR A 18 -2.77 -1.42 -2.68
CA THR A 18 -1.87 -0.95 -1.64
C THR A 18 -1.79 0.57 -1.62
N VAL A 19 -1.66 1.18 -2.80
CA VAL A 19 -1.59 2.64 -2.92
C VAL A 19 -2.85 3.24 -2.29
N GLY A 20 -4.01 2.62 -2.54
CA GLY A 20 -5.26 3.10 -1.98
C GLY A 20 -5.23 3.04 -0.45
N LEU A 21 -4.69 1.94 0.10
CA LEU A 21 -4.59 1.77 1.56
C LEU A 21 -3.68 2.86 2.18
N ILE A 22 -2.53 3.08 1.54
CA ILE A 22 -1.57 4.08 2.01
C ILE A 22 -2.21 5.48 2.02
N ILE A 23 -2.83 5.85 0.90
CA ILE A 23 -3.48 7.15 0.76
C ILE A 23 -4.58 7.30 1.82
N THR A 24 -5.34 6.23 2.06
CA THR A 24 -6.42 6.28 3.05
C THR A 24 -5.84 6.52 4.44
N LEU A 25 -4.70 5.89 4.74
CA LEU A 25 -4.08 6.05 6.06
C LEU A 25 -3.65 7.50 6.29
N ILE A 26 -2.95 8.09 5.33
CA ILE A 26 -2.52 9.49 5.46
C ILE A 26 -3.75 10.41 5.54
N PHE A 27 -4.82 10.05 4.81
CA PHE A 27 -6.05 10.84 4.79
C PHE A 27 -6.72 10.86 6.16
N VAL A 28 -6.87 9.68 6.78
CA VAL A 28 -7.50 9.60 8.10
C VAL A 28 -6.65 10.30 9.15
N TYR A 29 -5.32 10.19 9.01
CA TYR A 29 -4.40 10.85 9.93
C TYR A 29 -4.56 12.38 9.83
N PHE A 30 -4.69 12.87 8.59
CA PHE A 30 -4.84 14.29 8.34
C PHE A 30 -6.12 14.82 8.96
N TRP A 31 -7.23 14.09 8.75
CA TRP A 31 -8.52 14.48 9.30
C TRP A 31 -8.48 14.50 10.82
N LEU A 32 -7.82 13.50 11.41
CA LEU A 32 -7.70 13.40 12.87
C LEU A 32 -6.94 14.60 13.43
N GLU A 33 -5.83 14.96 12.77
CA GLU A 33 -5.01 16.09 13.20
C GLU A 33 -5.44 17.38 12.49
N ARG A 34 -4.81 18.50 12.87
CA ARG A 34 -5.12 19.80 12.29
C ARG A 34 -6.62 20.13 12.44
N GLN B 1 13.81 -15.16 -6.44
CA GLN B 1 13.48 -15.52 -7.84
C GLN B 1 13.12 -14.26 -8.62
N TRP B 2 13.22 -14.32 -9.95
CA TRP B 2 12.90 -13.18 -10.80
C TRP B 2 11.39 -13.11 -11.07
N SER B 3 10.77 -11.99 -10.69
CA SER B 3 9.33 -11.80 -10.88
C SER B 3 8.94 -10.35 -10.61
N ALA B 4 8.03 -9.82 -11.43
CA ALA B 4 7.56 -8.44 -11.27
C ALA B 4 6.80 -8.26 -9.95
N SER B 5 6.02 -9.28 -9.58
CA SER B 5 5.24 -9.24 -8.35
C SER B 5 6.12 -9.03 -7.12
N ILE B 6 7.26 -9.73 -7.06
CA ILE B 6 8.18 -9.62 -5.92
C ILE B 6 8.83 -8.23 -5.85
N LEU B 7 9.27 -7.71 -6.99
CA LEU B 7 9.94 -6.40 -7.03
C LEU B 7 8.96 -5.27 -6.73
N VAL B 8 7.68 -5.45 -7.07
CA VAL B 8 6.66 -4.44 -6.80
C VAL B 8 6.26 -4.45 -5.29
N VAL B 9 5.96 -5.66 -4.79
CA VAL B 9 5.54 -5.85 -3.41
C VAL B 9 6.61 -5.49 -2.38
N VAL B 10 7.92 -5.66 -2.68
CA VAL B 10 8.93 -5.33 -1.66
C VAL B 10 8.88 -3.80 -1.32
N PRO B 11 9.01 -2.89 -2.28
CA PRO B 11 8.94 -1.41 -2.00
C PRO B 11 7.57 -0.97 -1.45
N ILE B 12 6.48 -1.53 -2.01
CA ILE B 12 5.15 -1.15 -1.56
C ILE B 12 4.92 -1.62 -0.11
N PHE B 13 5.33 -2.85 0.18
CA PHE B 13 5.19 -3.40 1.53
C PHE B 13 5.98 -2.55 2.50
N LEU B 14 7.17 -2.12 2.10
CA LEU B 14 8.00 -1.26 2.94
C LEU B 14 7.23 0.05 3.20
N LEU B 15 6.48 0.50 2.18
CA LEU B 15 5.69 1.72 2.27
C LEU B 15 4.61 1.59 3.37
N LEU B 16 3.86 0.48 3.30
CA LEU B 16 2.78 0.23 4.26
C LEU B 16 3.36 0.16 5.67
N THR B 17 4.48 -0.55 5.82
CA THR B 17 5.15 -0.69 7.12
C THR B 17 5.55 0.69 7.65
N GLY B 18 6.05 1.55 6.74
CA GLY B 18 6.47 2.89 7.12
C GLY B 18 5.28 3.69 7.66
N PHE B 19 4.10 3.52 7.03
CA PHE B 19 2.89 4.22 7.45
C PHE B 19 2.43 3.74 8.83
N VAL B 20 2.46 2.41 9.05
CA VAL B 20 2.05 1.85 10.35
C VAL B 20 2.96 2.41 11.43
N HIS B 21 4.27 2.46 11.15
CA HIS B 21 5.25 3.00 12.11
C HIS B 21 4.98 4.50 12.33
N LEU B 22 4.55 5.18 11.26
CA LEU B 22 4.27 6.62 11.31
C LEU B 22 3.15 6.91 12.33
N LEU B 23 2.09 6.12 12.28
CA LEU B 23 0.94 6.30 13.19
C LEU B 23 1.27 5.82 14.61
N PHE B 24 1.93 4.67 14.73
CA PHE B 24 2.28 4.11 16.04
C PHE B 24 3.20 5.05 16.82
N LYS B 25 4.24 5.56 16.16
CA LYS B 25 5.20 6.47 16.79
C LYS B 25 4.50 7.76 17.24
N LEU B 26 3.52 8.23 16.47
CA LEU B 26 2.80 9.46 16.81
C LEU B 26 1.39 9.16 17.36
N SER B 27 1.16 7.92 17.80
CA SER B 27 -0.15 7.53 18.35
C SER B 27 -0.16 7.76 19.89
N PRO B 28 -1.31 8.11 20.48
CA PRO B 28 -1.41 8.36 21.95
C PRO B 28 -1.65 7.06 22.74
N ARG B 29 -0.82 6.05 22.49
CA ARG B 29 -0.93 4.75 23.17
C ARG B 29 -0.35 4.81 24.59
N LEU B 30 0.16 5.98 25.00
CA LEU B 30 0.74 6.14 26.34
C LEU B 30 -0.27 6.75 27.30
N LYS B 31 -0.28 6.26 28.55
CA LYS B 31 -1.20 6.76 29.58
C LYS B 31 -0.90 8.22 29.91
N GLU A 1 -10.15 -11.27 -29.79
CA GLU A 1 -10.74 -10.34 -28.79
C GLU A 1 -9.67 -9.92 -27.79
N GLU A 2 -8.84 -10.87 -27.36
CA GLU A 2 -7.77 -10.59 -26.42
C GLU A 2 -6.57 -9.94 -27.12
N ASN A 3 -6.12 -8.81 -26.57
CA ASN A 3 -4.98 -8.08 -27.15
C ASN A 3 -4.59 -6.88 -26.24
N PRO A 4 -5.51 -5.96 -25.96
CA PRO A 4 -5.20 -4.78 -25.08
C PRO A 4 -5.16 -5.15 -23.59
N SER A 5 -5.77 -6.30 -23.25
CA SER A 5 -5.80 -6.77 -21.87
C SER A 5 -4.39 -6.92 -21.28
N LEU A 6 -3.40 -7.19 -22.16
CA LEU A 6 -2.02 -7.36 -21.71
C LEU A 6 -1.49 -6.11 -21.02
N PHE A 7 -2.05 -4.93 -21.33
CA PHE A 7 -1.58 -3.68 -20.70
C PHE A 7 -2.02 -3.67 -19.23
N ALA A 8 -3.15 -4.32 -18.93
CA ALA A 8 -3.64 -4.41 -17.55
C ALA A 8 -2.82 -5.49 -16.83
N LEU A 9 -1.50 -5.26 -16.74
CA LEU A 9 -0.59 -6.21 -16.11
C LEU A 9 -1.10 -6.59 -14.72
N GLU A 10 -0.82 -7.80 -14.28
CA GLU A 10 -1.24 -8.25 -12.96
C GLU A 10 -0.48 -7.49 -11.86
N ALA A 11 0.80 -7.23 -12.10
CA ALA A 11 1.66 -6.53 -11.14
C ALA A 11 1.44 -5.01 -11.13
N VAL A 12 0.80 -4.46 -12.18
CA VAL A 12 0.60 -3.01 -12.28
C VAL A 12 -0.68 -2.54 -11.53
N LEU A 13 -1.72 -3.39 -11.54
CA LEU A 13 -3.00 -3.06 -10.90
C LEU A 13 -2.95 -3.25 -9.37
N ILE A 14 -2.37 -4.36 -8.92
CA ILE A 14 -2.27 -4.68 -7.49
C ILE A 14 -1.58 -3.55 -6.65
N PRO A 15 -0.44 -3.00 -7.07
CA PRO A 15 0.28 -1.95 -6.28
C PRO A 15 -0.55 -0.68 -6.15
N VAL A 16 -1.26 -0.32 -7.22
CA VAL A 16 -2.12 0.86 -7.22
C VAL A 16 -3.16 0.71 -6.09
N GLY A 17 -3.67 -0.53 -5.92
CA GLY A 17 -4.66 -0.81 -4.89
C GLY A 17 -4.06 -0.57 -3.49
N THR A 18 -2.87 -1.12 -3.26
CA THR A 18 -2.18 -0.96 -1.98
C THR A 18 -1.85 0.52 -1.74
N VAL A 19 -1.44 1.23 -2.80
CA VAL A 19 -1.13 2.66 -2.71
C VAL A 19 -2.36 3.39 -2.18
N GLY A 20 -3.53 3.04 -2.72
CA GLY A 20 -4.79 3.63 -2.29
C GLY A 20 -5.02 3.35 -0.80
N LEU A 21 -4.70 2.11 -0.37
CA LEU A 21 -4.87 1.72 1.04
C LEU A 21 -4.01 2.60 1.96
N ILE A 22 -2.75 2.78 1.60
CA ILE A 22 -1.81 3.58 2.39
C ILE A 22 -2.33 5.03 2.50
N ILE A 23 -2.69 5.60 1.36
CA ILE A 23 -3.23 6.98 1.32
C ILE A 23 -4.47 7.08 2.22
N THR A 24 -5.32 6.04 2.17
CA THR A 24 -6.53 6.02 2.98
C THR A 24 -6.19 6.03 4.46
N LEU A 25 -5.14 5.30 4.84
CA LEU A 25 -4.72 5.24 6.24
C LEU A 25 -4.27 6.61 6.75
N ILE A 26 -3.40 7.29 5.99
CA ILE A 26 -2.91 8.61 6.40
C ILE A 26 -4.06 9.63 6.44
N PHE A 27 -5.00 9.53 5.49
CA PHE A 27 -6.15 10.44 5.44
C PHE A 27 -7.05 10.20 6.66
N VAL A 28 -7.22 8.92 7.00
CA VAL A 28 -8.05 8.51 8.13
C VAL A 28 -7.47 9.07 9.43
N TYR A 29 -6.14 8.97 9.59
CA TYR A 29 -5.48 9.47 10.78
C TYR A 29 -5.64 10.99 10.86
N PHE A 30 -5.50 11.66 9.71
CA PHE A 30 -5.65 13.12 9.65
C PHE A 30 -7.03 13.53 10.14
N TRP A 31 -8.06 12.84 9.67
CA TRP A 31 -9.44 13.12 10.06
C TRP A 31 -9.63 12.87 11.56
N LEU A 32 -9.02 11.79 12.06
CA LEU A 32 -9.12 11.42 13.47
C LEU A 32 -8.58 12.54 14.36
N GLU A 33 -7.41 13.08 13.99
CA GLU A 33 -6.78 14.16 14.76
C GLU A 33 -7.69 15.39 14.80
N ARG A 34 -8.07 15.91 13.63
CA ARG A 34 -8.93 17.09 13.54
C ARG A 34 -10.37 16.73 13.92
N GLN B 1 14.09 -16.05 -9.39
CA GLN B 1 13.06 -16.72 -10.22
C GLN B 1 12.16 -15.66 -10.87
N TRP B 2 11.25 -16.11 -11.73
CA TRP B 2 10.33 -15.20 -12.42
C TRP B 2 9.07 -14.97 -11.57
N SER B 3 9.10 -13.92 -10.75
CA SER B 3 7.97 -13.59 -9.88
C SER B 3 7.93 -12.07 -9.60
N ALA B 4 7.32 -11.32 -10.53
CA ALA B 4 7.21 -9.87 -10.40
C ALA B 4 6.31 -9.48 -9.24
N SER B 5 5.32 -10.33 -8.92
CA SER B 5 4.38 -10.06 -7.83
C SER B 5 5.11 -9.89 -6.51
N ILE B 6 6.08 -10.76 -6.21
CA ILE B 6 6.85 -10.68 -4.97
C ILE B 6 7.77 -9.43 -4.99
N LEU B 7 8.23 -9.06 -6.18
CA LEU B 7 9.11 -7.91 -6.32
C LEU B 7 8.34 -6.63 -6.03
N VAL B 8 7.05 -6.59 -6.38
CA VAL B 8 6.20 -5.44 -6.08
C VAL B 8 5.82 -5.46 -4.58
N VAL B 9 5.60 -6.67 -4.05
CA VAL B 9 5.23 -6.86 -2.66
C VAL B 9 6.30 -6.29 -1.71
N VAL B 10 7.60 -6.44 -2.03
CA VAL B 10 8.64 -5.91 -1.12
C VAL B 10 8.48 -4.37 -0.91
N PRO B 11 8.48 -3.53 -1.96
CA PRO B 11 8.31 -2.05 -1.81
C PRO B 11 6.96 -1.67 -1.18
N ILE B 12 5.89 -2.37 -1.57
CA ILE B 12 4.56 -2.09 -1.02
C ILE B 12 4.56 -2.34 0.50
N PHE B 13 5.16 -3.46 0.91
CA PHE B 13 5.22 -3.82 2.33
C PHE B 13 6.02 -2.77 3.10
N LEU B 14 7.17 -2.37 2.57
CA LEU B 14 8.01 -1.36 3.21
C LEU B 14 7.26 -0.03 3.34
N LEU B 15 6.43 0.29 2.35
CA LEU B 15 5.66 1.53 2.33
C LEU B 15 4.55 1.52 3.39
N LEU B 16 3.81 0.40 3.51
CA LEU B 16 2.72 0.32 4.49
C LEU B 16 3.29 0.35 5.92
N THR B 17 4.33 -0.45 6.16
CA THR B 17 4.96 -0.48 7.49
C THR B 17 5.58 0.89 7.78
N GLY B 18 6.13 1.53 6.74
CA GLY B 18 6.71 2.85 6.89
C GLY B 18 5.66 3.84 7.37
N PHE B 19 4.44 3.74 6.82
CA PHE B 19 3.33 4.60 7.22
C PHE B 19 2.97 4.31 8.69
N VAL B 20 3.03 3.04 9.10
CA VAL B 20 2.74 2.68 10.49
C VAL B 20 3.76 3.42 11.40
N HIS B 21 5.02 3.43 10.97
CA HIS B 21 6.08 4.12 11.71
C HIS B 21 5.80 5.63 11.72
N LEU B 22 5.24 6.15 10.62
CA LEU B 22 4.90 7.56 10.51
C LEU B 22 3.92 7.94 11.62
N LEU B 23 2.91 7.10 11.82
CA LEU B 23 1.91 7.33 12.86
C LEU B 23 2.55 7.20 14.24
N PHE B 24 3.46 6.23 14.39
CA PHE B 24 4.15 6.00 15.66
C PHE B 24 4.91 7.25 16.09
N LYS B 25 5.56 7.92 15.13
CA LYS B 25 6.33 9.13 15.43
C LYS B 25 5.44 10.22 16.01
N LEU B 26 4.20 10.31 15.50
CA LEU B 26 3.25 11.32 15.99
C LEU B 26 2.52 10.85 17.26
N SER B 27 2.69 9.56 17.63
CA SER B 27 2.06 9.01 18.83
C SER B 27 3.13 8.34 19.74
N PRO B 28 3.95 9.12 20.44
CA PRO B 28 5.01 8.57 21.33
C PRO B 28 4.47 8.17 22.70
N ARG B 29 4.60 6.88 23.04
CA ARG B 29 4.11 6.36 24.32
C ARG B 29 5.27 6.19 25.33
N LEU B 30 6.46 6.71 25.02
CA LEU B 30 7.62 6.61 25.91
C LEU B 30 7.40 7.47 27.15
N LYS B 31 7.26 6.81 28.31
CA LYS B 31 7.04 7.51 29.57
C LYS B 31 7.70 6.75 30.73
N GLU A 1 -1.04 -8.38 -30.65
CA GLU A 1 -1.55 -9.72 -30.22
C GLU A 1 -1.74 -9.75 -28.69
N GLU A 2 -2.11 -8.59 -28.12
CA GLU A 2 -2.32 -8.48 -26.67
C GLU A 2 -3.78 -8.80 -26.33
N ASN A 3 -4.06 -9.01 -25.04
CA ASN A 3 -5.41 -9.32 -24.57
C ASN A 3 -5.77 -8.46 -23.35
N PRO A 4 -7.06 -8.14 -23.14
CA PRO A 4 -7.49 -7.31 -21.97
C PRO A 4 -7.46 -8.10 -20.66
N SER A 5 -7.70 -9.41 -20.76
CA SER A 5 -7.70 -10.29 -19.58
C SER A 5 -6.31 -10.30 -18.92
N LEU A 6 -5.27 -10.40 -19.73
CA LEU A 6 -3.89 -10.44 -19.23
C LEU A 6 -3.46 -9.07 -18.67
N PHE A 7 -4.06 -7.98 -19.18
CA PHE A 7 -3.72 -6.64 -18.71
C PHE A 7 -4.23 -6.43 -17.29
N ALA A 8 -5.45 -6.92 -17.01
CA ALA A 8 -6.03 -6.78 -15.68
C ALA A 8 -5.65 -7.98 -14.79
N LEU A 9 -4.44 -8.51 -15.02
CA LEU A 9 -3.95 -9.65 -14.24
C LEU A 9 -3.82 -9.29 -12.75
N GLU A 10 -3.31 -10.23 -11.96
CA GLU A 10 -3.18 -10.04 -10.52
C GLU A 10 -2.12 -8.99 -10.10
N ALA A 11 -0.96 -9.00 -10.76
CA ALA A 11 0.14 -8.09 -10.41
C ALA A 11 -0.14 -6.61 -10.64
N VAL A 12 -1.15 -6.27 -11.44
CA VAL A 12 -1.43 -4.85 -11.73
C VAL A 12 -2.35 -4.19 -10.67
N LEU A 13 -3.40 -4.91 -10.24
CA LEU A 13 -4.36 -4.38 -9.26
C LEU A 13 -3.83 -4.39 -7.82
N ILE A 14 -3.12 -5.45 -7.45
CA ILE A 14 -2.59 -5.58 -6.08
C ILE A 14 -1.67 -4.39 -5.68
N PRO A 15 -0.66 -4.00 -6.49
CA PRO A 15 0.27 -2.89 -6.11
C PRO A 15 -0.45 -1.55 -5.98
N VAL A 16 -1.31 -1.24 -6.95
CA VAL A 16 -2.07 0.02 -6.92
C VAL A 16 -3.01 0.05 -5.72
N GLY A 17 -3.60 -1.10 -5.40
CA GLY A 17 -4.52 -1.21 -4.27
C GLY A 17 -3.81 -0.91 -2.95
N THR A 18 -2.62 -1.48 -2.79
CA THR A 18 -1.83 -1.28 -1.57
C THR A 18 -1.42 0.18 -1.43
N VAL A 19 -0.96 0.79 -2.54
CA VAL A 19 -0.54 2.19 -2.53
C VAL A 19 -1.72 3.05 -2.07
N GLY A 20 -2.89 2.78 -2.64
CA GLY A 20 -4.10 3.51 -2.27
C GLY A 20 -4.39 3.30 -0.79
N LEU A 21 -4.08 2.09 -0.26
CA LEU A 21 -4.32 1.78 1.15
C LEU A 21 -3.47 2.68 2.06
N ILE A 22 -2.17 2.77 1.75
CA ILE A 22 -1.24 3.58 2.55
C ILE A 22 -1.67 5.07 2.54
N ILE A 23 -1.92 5.60 1.34
CA ILE A 23 -2.35 6.99 1.19
C ILE A 23 -3.69 7.23 1.88
N THR A 24 -4.59 6.23 1.84
CA THR A 24 -5.89 6.38 2.48
C THR A 24 -5.72 6.45 3.99
N LEU A 25 -4.80 5.66 4.55
CA LEU A 25 -4.57 5.65 5.99
C LEU A 25 -4.11 7.02 6.46
N ILE A 26 -3.10 7.60 5.79
CA ILE A 26 -2.62 8.93 6.20
C ILE A 26 -3.70 9.99 5.98
N PHE A 27 -4.51 9.81 4.92
CA PHE A 27 -5.58 10.75 4.61
C PHE A 27 -6.62 10.78 5.73
N VAL A 28 -7.07 9.60 6.17
CA VAL A 28 -8.07 9.52 7.24
C VAL A 28 -7.49 10.02 8.56
N TYR A 29 -6.19 9.74 8.79
CA TYR A 29 -5.52 10.17 10.01
C TYR A 29 -5.47 11.71 10.08
N PHE A 30 -5.17 12.34 8.93
CA PHE A 30 -5.08 13.79 8.85
C PHE A 30 -6.46 14.44 9.00
N TRP A 31 -7.46 13.86 8.35
CA TRP A 31 -8.83 14.40 8.40
C TRP A 31 -9.39 14.36 9.82
N LEU A 32 -9.25 13.21 10.48
CA LEU A 32 -9.76 13.05 11.84
C LEU A 32 -8.95 13.90 12.83
N GLU A 33 -7.63 13.89 12.67
CA GLU A 33 -6.72 14.67 13.54
C GLU A 33 -6.77 14.14 14.99
N ARG A 34 -7.83 14.47 15.73
CA ARG A 34 -7.98 14.01 17.12
C ARG A 34 -9.45 14.06 17.54
N GLN B 1 7.82 -15.31 -17.44
CA GLN B 1 7.48 -15.32 -15.99
C GLN B 1 6.94 -13.94 -15.58
N TRP B 2 6.55 -13.82 -14.32
CA TRP B 2 6.01 -12.56 -13.80
C TRP B 2 6.79 -12.11 -12.55
N SER B 3 7.84 -11.31 -12.76
CA SER B 3 8.66 -10.80 -11.66
C SER B 3 8.23 -9.39 -11.21
N ALA B 4 7.27 -8.78 -11.92
CA ALA B 4 6.81 -7.43 -11.59
C ALA B 4 6.10 -7.42 -10.23
N SER B 5 5.34 -8.49 -9.94
CA SER B 5 4.58 -8.58 -8.69
C SER B 5 5.51 -8.51 -7.46
N ILE B 6 6.63 -9.24 -7.52
CA ILE B 6 7.59 -9.27 -6.40
C ILE B 6 8.36 -7.93 -6.26
N LEU B 7 8.71 -7.33 -7.40
CA LEU B 7 9.46 -6.09 -7.41
C LEU B 7 8.63 -4.92 -6.90
N VAL B 8 7.34 -4.89 -7.21
CA VAL B 8 6.49 -3.80 -6.72
C VAL B 8 6.13 -4.01 -5.24
N VAL B 9 5.75 -5.24 -4.87
CA VAL B 9 5.37 -5.54 -3.49
C VAL B 9 6.50 -5.33 -2.49
N VAL B 10 7.78 -5.55 -2.85
CA VAL B 10 8.85 -5.35 -1.85
C VAL B 10 8.88 -3.86 -1.38
N PRO B 11 9.01 -2.87 -2.27
CA PRO B 11 9.02 -1.43 -1.87
C PRO B 11 7.70 -1.01 -1.22
N ILE B 12 6.58 -1.50 -1.77
CA ILE B 12 5.26 -1.18 -1.22
C ILE B 12 5.17 -1.66 0.24
N PHE B 13 5.70 -2.87 0.50
CA PHE B 13 5.68 -3.44 1.84
C PHE B 13 6.50 -2.58 2.81
N LEU B 14 7.70 -2.18 2.37
CA LEU B 14 8.56 -1.33 3.22
C LEU B 14 7.83 -0.01 3.53
N LEU B 15 7.11 0.50 2.52
CA LEU B 15 6.35 1.75 2.64
C LEU B 15 5.21 1.57 3.67
N LEU B 16 4.57 0.41 3.66
CA LEU B 16 3.48 0.13 4.56
C LEU B 16 3.98 0.05 6.00
N THR B 17 5.10 -0.64 6.20
CA THR B 17 5.70 -0.77 7.53
C THR B 17 6.13 0.60 8.05
N GLY B 18 6.72 1.42 7.17
CA GLY B 18 7.16 2.75 7.55
C GLY B 18 5.98 3.60 8.02
N PHE B 19 4.86 3.49 7.30
CA PHE B 19 3.65 4.23 7.65
C PHE B 19 3.08 3.76 8.98
N VAL B 20 3.14 2.44 9.24
CA VAL B 20 2.66 1.90 10.51
C VAL B 20 3.49 2.54 11.64
N HIS B 21 4.81 2.62 11.44
CA HIS B 21 5.71 3.23 12.42
C HIS B 21 5.32 4.71 12.61
N LEU B 22 4.93 5.37 11.50
CA LEU B 22 4.52 6.77 11.54
C LEU B 22 3.33 6.94 12.49
N LEU B 23 2.36 6.04 12.37
CA LEU B 23 1.16 6.08 13.20
C LEU B 23 1.54 5.85 14.67
N PHE B 24 2.43 4.88 14.90
CA PHE B 24 2.88 4.54 16.25
C PHE B 24 3.54 5.76 16.92
N LYS B 25 4.30 6.53 16.13
CA LYS B 25 4.99 7.71 16.65
C LYS B 25 4.00 8.72 17.20
N LEU B 26 2.83 8.84 16.55
CA LEU B 26 1.80 9.78 16.99
C LEU B 26 0.72 9.11 17.85
N SER B 27 0.93 7.84 18.23
CA SER B 27 -0.03 7.11 19.06
C SER B 27 0.70 6.21 20.09
N PRO B 28 0.95 6.69 21.32
CA PRO B 28 1.66 5.88 22.36
C PRO B 28 0.81 4.70 22.84
N ARG B 29 1.47 3.69 23.42
CA ARG B 29 0.77 2.50 23.93
C ARG B 29 -0.06 2.82 25.19
N LEU B 30 0.19 3.98 25.81
CA LEU B 30 -0.54 4.38 27.02
C LEU B 30 -1.81 5.14 26.65
N LYS B 31 -2.96 4.54 26.94
CA LYS B 31 -4.26 5.16 26.64
C LYS B 31 -5.08 5.38 27.92
N GLU A 1 -13.15 -16.48 -24.93
CA GLU A 1 -14.15 -15.88 -25.87
C GLU A 1 -14.47 -14.45 -25.41
N GLU A 2 -14.96 -14.34 -24.18
CA GLU A 2 -15.32 -13.03 -23.62
C GLU A 2 -14.51 -12.77 -22.34
N ASN A 3 -14.14 -11.50 -22.11
CA ASN A 3 -13.36 -11.13 -20.93
C ASN A 3 -12.08 -12.00 -20.82
N PRO A 4 -10.96 -11.58 -21.41
CA PRO A 4 -9.69 -12.38 -21.35
C PRO A 4 -9.23 -12.62 -19.91
N SER A 5 -8.80 -13.84 -19.62
CA SER A 5 -8.32 -14.21 -18.28
C SER A 5 -7.03 -13.45 -17.93
N LEU A 6 -6.23 -13.12 -18.94
CA LEU A 6 -4.97 -12.39 -18.73
C LEU A 6 -5.21 -11.03 -18.08
N PHE A 7 -6.41 -10.44 -18.26
CA PHE A 7 -6.71 -9.13 -17.67
C PHE A 7 -6.84 -9.23 -16.13
N ALA A 8 -6.70 -10.44 -15.58
CA ALA A 8 -6.72 -10.63 -14.13
C ALA A 8 -5.27 -10.58 -13.61
N LEU A 9 -4.43 -9.78 -14.30
CA LEU A 9 -3.02 -9.60 -13.98
C LEU A 9 -2.81 -9.42 -12.48
N GLU A 10 -1.91 -10.21 -11.91
CA GLU A 10 -1.61 -10.10 -10.49
C GLU A 10 -0.88 -8.78 -10.18
N ALA A 11 0.00 -8.38 -11.10
CA ALA A 11 0.81 -7.17 -10.95
C ALA A 11 0.01 -5.87 -11.14
N VAL A 12 -1.16 -5.92 -11.78
CA VAL A 12 -1.94 -4.69 -12.04
C VAL A 12 -2.83 -4.29 -10.85
N LEU A 13 -3.47 -5.28 -10.22
CA LEU A 13 -4.39 -5.05 -9.10
C LEU A 13 -3.67 -4.77 -7.76
N ILE A 14 -2.59 -5.51 -7.49
CA ILE A 14 -1.86 -5.38 -6.20
C ILE A 14 -1.25 -3.97 -5.98
N PRO A 15 -0.55 -3.36 -6.94
CA PRO A 15 0.08 -2.01 -6.73
C PRO A 15 -0.93 -0.92 -6.46
N VAL A 16 -2.03 -0.88 -7.24
CA VAL A 16 -3.07 0.12 -7.04
C VAL A 16 -3.75 -0.06 -5.67
N GLY A 17 -3.95 -1.33 -5.30
CA GLY A 17 -4.57 -1.65 -4.01
C GLY A 17 -3.72 -1.19 -2.82
N THR A 18 -2.42 -1.53 -2.84
CA THR A 18 -1.52 -1.17 -1.75
C THR A 18 -1.29 0.34 -1.66
N VAL A 19 -1.02 0.98 -2.80
CA VAL A 19 -0.80 2.43 -2.82
C VAL A 19 -2.06 3.15 -2.32
N GLY A 20 -3.22 2.65 -2.75
CA GLY A 20 -4.49 3.24 -2.33
C GLY A 20 -4.66 3.10 -0.82
N LEU A 21 -4.26 1.94 -0.26
CA LEU A 21 -4.36 1.70 1.18
C LEU A 21 -3.51 2.71 1.96
N ILE A 22 -2.26 2.89 1.51
CA ILE A 22 -1.33 3.81 2.16
C ILE A 22 -1.91 5.24 2.14
N ILE A 23 -2.36 5.67 0.96
CA ILE A 23 -2.96 7.00 0.79
C ILE A 23 -4.16 7.14 1.73
N THR A 24 -4.94 6.07 1.87
CA THR A 24 -6.11 6.07 2.73
C THR A 24 -5.70 6.31 4.18
N LEU A 25 -4.58 5.69 4.60
CA LEU A 25 -4.09 5.83 5.97
C LEU A 25 -3.70 7.28 6.28
N ILE A 26 -2.91 7.90 5.38
CA ILE A 26 -2.51 9.29 5.60
C ILE A 26 -3.74 10.21 5.56
N PHE A 27 -4.72 9.87 4.72
CA PHE A 27 -5.95 10.65 4.59
C PHE A 27 -6.76 10.63 5.88
N VAL A 28 -6.97 9.44 6.45
CA VAL A 28 -7.74 9.31 7.69
C VAL A 28 -7.02 10.01 8.83
N TYR A 29 -5.68 9.95 8.84
CA TYR A 29 -4.91 10.62 9.89
C TYR A 29 -5.13 12.13 9.78
N PHE A 30 -5.10 12.65 8.55
CA PHE A 30 -5.31 14.08 8.31
C PHE A 30 -6.67 14.50 8.82
N TRP A 31 -7.68 13.68 8.54
CA TRP A 31 -9.06 13.96 8.98
C TRP A 31 -9.11 13.99 10.52
N LEU A 32 -8.38 13.06 11.14
CA LEU A 32 -8.31 12.97 12.60
C LEU A 32 -7.79 14.27 13.19
N GLU A 33 -6.72 14.81 12.58
CA GLU A 33 -6.12 16.06 13.05
C GLU A 33 -7.18 17.16 13.11
N ARG A 34 -8.03 17.22 12.09
CA ARG A 34 -9.10 18.22 12.03
C ARG A 34 -10.42 17.57 11.58
N GLN B 1 9.46 -17.47 -14.69
CA GLN B 1 10.84 -16.92 -14.91
C GLN B 1 11.00 -15.63 -14.10
N TRP B 2 10.11 -14.66 -14.34
CA TRP B 2 10.15 -13.39 -13.62
C TRP B 2 8.73 -12.89 -13.30
N SER B 3 8.57 -12.20 -12.17
CA SER B 3 7.27 -11.69 -11.76
C SER B 3 7.40 -10.28 -11.17
N ALA B 4 6.74 -9.31 -11.81
CA ALA B 4 6.77 -7.91 -11.37
C ALA B 4 6.08 -7.74 -10.01
N SER B 5 5.13 -8.61 -9.69
CA SER B 5 4.36 -8.52 -8.44
C SER B 5 5.24 -8.57 -7.19
N ILE B 6 6.23 -9.48 -7.13
CA ILE B 6 7.08 -9.61 -5.93
C ILE B 6 8.03 -8.39 -5.78
N LEU B 7 8.61 -7.94 -6.89
CA LEU B 7 9.54 -6.81 -6.85
C LEU B 7 8.82 -5.49 -6.54
N VAL B 8 7.56 -5.38 -6.96
CA VAL B 8 6.77 -4.17 -6.69
C VAL B 8 6.28 -4.16 -5.22
N VAL B 9 5.71 -5.29 -4.78
CA VAL B 9 5.17 -5.42 -3.43
C VAL B 9 6.24 -5.28 -2.35
N VAL B 10 7.50 -5.70 -2.60
CA VAL B 10 8.52 -5.57 -1.54
C VAL B 10 8.71 -4.06 -1.15
N PRO B 11 9.03 -3.15 -2.08
CA PRO B 11 9.21 -1.70 -1.76
C PRO B 11 7.92 -1.07 -1.22
N ILE B 12 6.76 -1.42 -1.81
CA ILE B 12 5.50 -0.86 -1.33
C ILE B 12 5.23 -1.35 0.10
N PHE B 13 5.61 -2.59 0.38
CA PHE B 13 5.45 -3.18 1.71
C PHE B 13 6.28 -2.39 2.72
N LEU B 14 7.52 -2.05 2.34
CA LEU B 14 8.38 -1.27 3.22
C LEU B 14 7.72 0.09 3.52
N LEU B 15 7.11 0.67 2.48
CA LEU B 15 6.42 1.96 2.63
C LEU B 15 5.23 1.82 3.62
N LEU B 16 4.53 0.69 3.54
CA LEU B 16 3.39 0.43 4.42
C LEU B 16 3.87 0.30 5.87
N THR B 17 5.00 -0.40 6.05
CA THR B 17 5.58 -0.59 7.38
C THR B 17 5.96 0.77 7.96
N GLY B 18 6.54 1.64 7.12
CA GLY B 18 6.93 2.98 7.54
C GLY B 18 5.68 3.75 8.01
N PHE B 19 4.57 3.57 7.28
CA PHE B 19 3.32 4.24 7.62
C PHE B 19 2.85 3.80 9.02
N VAL B 20 2.90 2.48 9.27
CA VAL B 20 2.51 1.96 10.59
C VAL B 20 3.41 2.58 11.66
N HIS B 21 4.71 2.72 11.34
CA HIS B 21 5.67 3.32 12.26
C HIS B 21 5.22 4.75 12.57
N LEU B 22 4.70 5.45 11.55
CA LEU B 22 4.21 6.83 11.72
C LEU B 22 3.05 6.82 12.72
N LEU B 23 2.17 5.83 12.58
CA LEU B 23 1.00 5.69 13.45
C LEU B 23 1.42 5.47 14.91
N PHE B 24 2.42 4.61 15.12
CA PHE B 24 2.91 4.30 16.46
C PHE B 24 3.58 5.52 17.09
N LYS B 25 4.34 6.24 16.28
CA LYS B 25 5.06 7.44 16.72
C LYS B 25 4.09 8.55 17.14
N LEU B 26 2.95 8.65 16.43
CA LEU B 26 1.95 9.67 16.74
C LEU B 26 0.77 9.10 17.54
N SER B 27 0.78 7.79 17.81
CA SER B 27 -0.30 7.14 18.56
C SER B 27 0.19 5.77 19.11
N PRO B 28 0.67 5.70 20.36
CA PRO B 28 1.16 4.41 20.94
C PRO B 28 0.03 3.37 21.07
N ARG B 29 0.40 2.13 21.43
CA ARG B 29 -0.57 1.05 21.59
C ARG B 29 -1.37 1.18 22.89
N LEU B 30 -0.91 2.06 23.80
CA LEU B 30 -1.60 2.26 25.09
C LEU B 30 -2.96 2.91 24.87
N LYS B 31 -4.03 2.13 25.10
CA LYS B 31 -5.41 2.62 24.94
C LYS B 31 -5.66 3.06 23.51
N GLU A 1 -2.99 -13.93 -26.15
CA GLU A 1 -4.47 -13.73 -26.26
C GLU A 1 -5.18 -15.10 -26.30
N GLU A 2 -4.64 -16.08 -25.56
CA GLU A 2 -5.22 -17.42 -25.50
C GLU A 2 -5.11 -18.01 -24.10
N ASN A 3 -3.98 -17.74 -23.43
CA ASN A 3 -3.76 -18.24 -22.06
C ASN A 3 -3.03 -17.18 -21.20
N PRO A 4 -3.73 -16.11 -20.78
CA PRO A 4 -3.12 -15.04 -19.95
C PRO A 4 -3.30 -15.32 -18.45
N SER A 5 -3.30 -16.60 -18.07
CA SER A 5 -3.47 -16.99 -16.68
C SER A 5 -2.39 -16.37 -15.80
N LEU A 6 -1.12 -16.44 -16.24
CA LEU A 6 -0.01 -15.88 -15.48
C LEU A 6 -0.09 -14.35 -15.44
N PHE A 7 -0.73 -13.74 -16.45
CA PHE A 7 -0.85 -12.28 -16.48
C PHE A 7 -1.81 -11.76 -15.40
N ALA A 8 -2.43 -12.69 -14.64
CA ALA A 8 -3.31 -12.30 -13.53
C ALA A 8 -2.46 -12.22 -12.25
N LEU A 9 -1.22 -11.76 -12.40
CA LEU A 9 -0.26 -11.64 -11.30
C LEU A 9 -0.92 -11.04 -10.05
N GLU A 10 -0.38 -11.41 -8.90
CA GLU A 10 -0.90 -10.91 -7.63
C GLU A 10 -0.61 -9.42 -7.46
N ALA A 11 0.58 -9.00 -7.86
CA ALA A 11 1.02 -7.60 -7.73
C ALA A 11 0.46 -6.69 -8.84
N VAL A 12 0.02 -7.28 -9.96
CA VAL A 12 -0.54 -6.50 -11.07
C VAL A 12 -2.05 -6.26 -10.90
N LEU A 13 -2.71 -7.17 -10.18
CA LEU A 13 -4.15 -7.10 -9.94
C LEU A 13 -4.53 -6.07 -8.87
N ILE A 14 -3.75 -5.97 -7.77
CA ILE A 14 -4.08 -5.04 -6.68
C ILE A 14 -2.93 -4.04 -6.35
N PRO A 15 -2.12 -3.57 -7.33
CA PRO A 15 -1.04 -2.58 -7.04
C PRO A 15 -1.67 -1.28 -6.54
N VAL A 16 -2.71 -0.87 -7.25
CA VAL A 16 -3.46 0.34 -6.91
C VAL A 16 -4.17 0.17 -5.56
N GLY A 17 -4.47 -1.08 -5.16
CA GLY A 17 -5.15 -1.32 -3.88
C GLY A 17 -4.30 -0.87 -2.70
N THR A 18 -3.03 -1.32 -2.69
CA THR A 18 -2.12 -0.97 -1.60
C THR A 18 -1.85 0.53 -1.59
N VAL A 19 -1.60 1.09 -2.78
CA VAL A 19 -1.34 2.53 -2.90
C VAL A 19 -2.52 3.32 -2.34
N GLY A 20 -3.73 2.87 -2.66
CA GLY A 20 -4.95 3.52 -2.19
C GLY A 20 -5.03 3.46 -0.66
N LEU A 21 -4.64 2.32 -0.09
CA LEU A 21 -4.68 2.14 1.37
C LEU A 21 -3.72 3.13 2.05
N ILE A 22 -2.50 3.23 1.51
CA ILE A 22 -1.49 4.13 2.08
C ILE A 22 -2.00 5.59 2.02
N ILE A 23 -2.49 6.01 0.86
CA ILE A 23 -3.01 7.36 0.67
C ILE A 23 -4.16 7.62 1.66
N THR A 24 -5.03 6.61 1.84
CA THR A 24 -6.15 6.72 2.76
C THR A 24 -5.62 7.01 4.16
N LEU A 25 -4.55 6.32 4.54
CA LEU A 25 -3.94 6.53 5.86
C LEU A 25 -3.44 7.97 5.97
N ILE A 26 -2.90 8.52 4.88
CA ILE A 26 -2.41 9.92 4.91
C ILE A 26 -3.60 10.84 5.25
N PHE A 27 -4.74 10.59 4.59
CA PHE A 27 -5.95 11.38 4.82
C PHE A 27 -6.40 11.25 6.28
N VAL A 28 -6.26 10.04 6.82
CA VAL A 28 -6.63 9.76 8.20
C VAL A 28 -5.76 10.59 9.15
N TYR A 29 -4.47 10.65 8.86
CA TYR A 29 -3.51 11.41 9.67
C TYR A 29 -3.89 12.89 9.68
N PHE A 30 -4.20 13.42 8.49
CA PHE A 30 -4.59 14.82 8.34
C PHE A 30 -5.85 15.12 9.15
N TRP A 31 -6.82 14.21 9.08
CA TRP A 31 -8.10 14.37 9.79
C TRP A 31 -7.87 14.42 11.30
N LEU A 32 -7.06 13.49 11.81
CA LEU A 32 -6.76 13.43 13.24
C LEU A 32 -6.05 14.70 13.71
N GLU A 33 -5.08 15.17 12.90
CA GLU A 33 -4.32 16.38 13.23
C GLU A 33 -3.52 16.18 14.52
N ARG A 34 -2.35 16.84 14.60
CA ARG A 34 -1.49 16.72 15.78
C ARG A 34 -2.08 17.52 16.96
N GLN B 1 11.08 -5.99 -17.52
CA GLN B 1 9.74 -6.33 -16.96
C GLN B 1 9.73 -7.77 -16.41
N TRP B 2 10.90 -8.28 -16.04
CA TRP B 2 11.01 -9.64 -15.50
C TRP B 2 10.89 -9.60 -13.97
N SER B 3 10.11 -10.53 -13.41
CA SER B 3 9.90 -10.60 -11.96
C SER B 3 9.37 -9.26 -11.44
N ALA B 4 8.44 -8.66 -12.19
CA ALA B 4 7.84 -7.39 -11.84
C ALA B 4 7.13 -7.45 -10.47
N SER B 5 6.55 -8.62 -10.17
CA SER B 5 5.82 -8.79 -8.91
C SER B 5 6.72 -8.54 -7.69
N ILE B 6 7.96 -9.06 -7.72
CA ILE B 6 8.90 -8.92 -6.60
C ILE B 6 9.38 -7.46 -6.44
N LEU B 7 9.79 -6.82 -7.53
CA LEU B 7 10.29 -5.45 -7.44
C LEU B 7 9.18 -4.46 -7.11
N VAL B 8 7.93 -4.79 -7.45
CA VAL B 8 6.79 -3.92 -7.14
C VAL B 8 6.41 -4.07 -5.65
N VAL B 9 6.25 -5.34 -5.21
CA VAL B 9 5.84 -5.64 -3.83
C VAL B 9 6.86 -5.18 -2.79
N VAL B 10 8.18 -5.20 -3.09
CA VAL B 10 9.16 -4.76 -2.10
C VAL B 10 8.89 -3.28 -1.68
N PRO B 11 8.86 -2.32 -2.61
CA PRO B 11 8.58 -0.88 -2.27
C PRO B 11 7.19 -0.68 -1.66
N ILE B 12 6.17 -1.37 -2.20
CA ILE B 12 4.81 -1.21 -1.67
C ILE B 12 4.73 -1.67 -0.21
N PHE B 13 5.34 -2.82 0.08
CA PHE B 13 5.33 -3.37 1.43
C PHE B 13 6.13 -2.49 2.40
N LEU B 14 7.29 -1.99 1.94
CA LEU B 14 8.12 -1.12 2.78
C LEU B 14 7.35 0.15 3.14
N LEU B 15 6.65 0.72 2.15
CA LEU B 15 5.84 1.92 2.34
C LEU B 15 4.69 1.67 3.32
N LEU B 16 4.03 0.52 3.19
CA LEU B 16 2.91 0.18 4.08
C LEU B 16 3.41 0.03 5.52
N THR B 17 4.53 -0.69 5.70
CA THR B 17 5.11 -0.90 7.02
C THR B 17 5.51 0.44 7.64
N GLY B 18 6.06 1.34 6.81
CA GLY B 18 6.46 2.66 7.28
C GLY B 18 5.24 3.41 7.81
N PHE B 19 4.12 3.29 7.09
CA PHE B 19 2.87 3.93 7.51
C PHE B 19 2.39 3.34 8.83
N VAL B 20 2.56 2.01 9.00
CA VAL B 20 2.14 1.35 10.25
C VAL B 20 2.94 1.97 11.41
N HIS B 21 4.24 2.19 11.20
CA HIS B 21 5.09 2.80 12.21
C HIS B 21 4.62 4.25 12.46
N LEU B 22 4.16 4.91 11.39
CA LEU B 22 3.66 6.29 11.48
C LEU B 22 2.50 6.37 12.46
N LEU B 23 1.59 5.39 12.39
CA LEU B 23 0.44 5.34 13.28
C LEU B 23 0.86 4.91 14.69
N PHE B 24 1.81 3.98 14.79
CA PHE B 24 2.28 3.48 16.07
C PHE B 24 2.84 4.62 16.92
N LYS B 25 3.71 5.45 16.34
CA LYS B 25 4.30 6.58 17.05
C LYS B 25 3.22 7.56 17.53
N LEU B 26 2.13 7.66 16.75
CA LEU B 26 1.01 8.55 17.08
C LEU B 26 0.05 7.90 18.09
N SER B 27 0.04 6.56 18.13
CA SER B 27 -0.83 5.82 19.05
C SER B 27 -0.03 4.72 19.78
N PRO B 28 0.53 5.00 20.96
CA PRO B 28 1.33 3.99 21.72
C PRO B 28 0.46 3.16 22.68
N ARG B 29 0.95 1.99 23.07
CA ARG B 29 0.22 1.10 23.96
C ARG B 29 0.67 1.27 25.43
N LEU B 30 1.48 2.29 25.71
CA LEU B 30 1.97 2.56 27.07
C LEU B 30 0.98 3.43 27.84
N LYS B 31 0.92 3.24 29.16
CA LYS B 31 0.01 4.00 30.01
C LYS B 31 0.52 5.44 30.20
N GLU A 1 -15.17 -6.83 -23.62
CA GLU A 1 -14.83 -5.62 -24.42
C GLU A 1 -13.42 -5.78 -25.01
N GLU A 2 -13.24 -6.83 -25.82
CA GLU A 2 -11.95 -7.10 -26.45
C GLU A 2 -10.84 -7.21 -25.38
N ASN A 3 -10.85 -8.33 -24.65
CA ASN A 3 -9.86 -8.56 -23.60
C ASN A 3 -9.94 -10.03 -23.11
N PRO A 4 -8.89 -10.85 -23.27
CA PRO A 4 -8.93 -12.28 -22.81
C PRO A 4 -8.77 -12.41 -21.29
N SER A 5 -8.79 -13.65 -20.80
CA SER A 5 -8.66 -13.93 -19.37
C SER A 5 -7.27 -13.52 -18.85
N LEU A 6 -6.28 -13.51 -19.76
CA LEU A 6 -4.91 -13.15 -19.39
C LEU A 6 -4.83 -11.71 -18.85
N PHE A 7 -5.78 -10.85 -19.25
CA PHE A 7 -5.77 -9.46 -18.80
C PHE A 7 -6.15 -9.36 -17.31
N ALA A 8 -6.40 -10.50 -16.65
CA ALA A 8 -6.67 -10.50 -15.21
C ALA A 8 -5.31 -10.60 -14.49
N LEU A 9 -4.35 -9.83 -14.98
CA LEU A 9 -2.98 -9.81 -14.46
C LEU A 9 -2.97 -9.67 -12.94
N GLU A 10 -2.26 -10.57 -12.29
CA GLU A 10 -2.16 -10.53 -10.84
C GLU A 10 -1.33 -9.32 -10.38
N ALA A 11 -0.21 -9.09 -11.07
CA ALA A 11 0.71 -8.00 -10.74
C ALA A 11 0.15 -6.60 -11.03
N VAL A 12 -0.88 -6.50 -11.87
CA VAL A 12 -1.43 -5.18 -12.22
C VAL A 12 -2.44 -4.67 -11.19
N LEU A 13 -3.32 -5.56 -10.70
CA LEU A 13 -4.35 -5.21 -9.73
C LEU A 13 -3.81 -5.06 -8.30
N ILE A 14 -2.98 -6.02 -7.88
CA ILE A 14 -2.42 -6.02 -6.50
C ILE A 14 -1.72 -4.67 -6.12
N PRO A 15 -0.85 -4.09 -6.95
CA PRO A 15 -0.14 -2.83 -6.58
C PRO A 15 -1.11 -1.66 -6.39
N VAL A 16 -2.09 -1.55 -7.29
CA VAL A 16 -3.09 -0.49 -7.21
C VAL A 16 -3.80 -0.58 -5.86
N GLY A 17 -4.07 -1.80 -5.41
CA GLY A 17 -4.76 -2.03 -4.12
C GLY A 17 -3.90 -1.50 -2.96
N THR A 18 -2.61 -1.84 -2.96
CA THR A 18 -1.70 -1.41 -1.91
C THR A 18 -1.56 0.11 -1.92
N VAL A 19 -1.41 0.70 -3.11
CA VAL A 19 -1.29 2.14 -3.25
C VAL A 19 -2.52 2.81 -2.62
N GLY A 20 -3.70 2.27 -2.92
CA GLY A 20 -4.94 2.80 -2.37
C GLY A 20 -4.92 2.76 -0.84
N LEU A 21 -4.46 1.64 -0.28
CA LEU A 21 -4.40 1.49 1.18
C LEU A 21 -3.48 2.55 1.80
N ILE A 22 -2.32 2.76 1.19
CA ILE A 22 -1.34 3.74 1.69
C ILE A 22 -1.96 5.14 1.69
N ILE A 23 -2.57 5.52 0.56
CA ILE A 23 -3.21 6.85 0.44
C ILE A 23 -4.29 6.99 1.52
N THR A 24 -5.03 5.91 1.78
CA THR A 24 -6.09 5.94 2.78
C THR A 24 -5.53 6.22 4.16
N LEU A 25 -4.42 5.55 4.51
CA LEU A 25 -3.80 5.72 5.82
C LEU A 25 -3.29 7.15 6.02
N ILE A 26 -2.62 7.73 5.02
CA ILE A 26 -2.12 9.09 5.14
C ILE A 26 -3.29 10.09 5.24
N PHE A 27 -4.39 9.80 4.53
CA PHE A 27 -5.55 10.68 4.54
C PHE A 27 -6.21 10.70 5.93
N VAL A 28 -6.42 9.51 6.51
CA VAL A 28 -7.03 9.42 7.84
C VAL A 28 -6.11 10.03 8.89
N TYR A 29 -4.80 9.85 8.69
CA TYR A 29 -3.79 10.38 9.61
C TYR A 29 -3.86 11.92 9.63
N PHE A 30 -3.93 12.52 8.44
CA PHE A 30 -3.96 13.99 8.32
C PHE A 30 -5.27 14.59 8.87
N TRP A 31 -6.41 13.98 8.53
CA TRP A 31 -7.71 14.52 8.95
C TRP A 31 -7.99 14.28 10.45
N LEU A 32 -7.77 13.05 10.89
CA LEU A 32 -8.02 12.68 12.29
C LEU A 32 -6.95 13.26 13.23
N GLU A 33 -5.68 13.18 12.82
CA GLU A 33 -4.57 13.70 13.63
C GLU A 33 -3.91 14.90 12.96
N ARG A 34 -3.76 15.99 13.71
CA ARG A 34 -3.15 17.22 13.19
C ARG A 34 -1.72 16.93 12.71
N GLN B 1 3.95 -10.36 -16.75
CA GLN B 1 5.01 -10.11 -15.74
C GLN B 1 5.24 -11.38 -14.92
N TRP B 2 6.50 -11.64 -14.55
CA TRP B 2 6.84 -12.85 -13.79
C TRP B 2 7.29 -12.50 -12.36
N SER B 3 8.09 -11.43 -12.23
CA SER B 3 8.59 -11.00 -10.91
C SER B 3 8.27 -9.52 -10.61
N ALA B 4 7.53 -8.85 -11.50
CA ALA B 4 7.18 -7.45 -11.31
C ALA B 4 6.39 -7.25 -10.00
N SER B 5 5.51 -8.20 -9.70
CA SER B 5 4.69 -8.13 -8.49
C SER B 5 5.56 -8.14 -7.24
N ILE B 6 6.64 -8.93 -7.26
CA ILE B 6 7.54 -9.03 -6.11
C ILE B 6 8.32 -7.72 -5.92
N LEU B 7 8.80 -7.15 -7.02
CA LEU B 7 9.59 -5.92 -6.96
C LEU B 7 8.75 -4.72 -6.56
N VAL B 8 7.47 -4.69 -6.94
CA VAL B 8 6.58 -3.58 -6.55
C VAL B 8 6.15 -3.76 -5.08
N VAL B 9 5.82 -5.01 -4.73
CA VAL B 9 5.35 -5.36 -3.39
C VAL B 9 6.38 -5.07 -2.28
N VAL B 10 7.69 -5.30 -2.52
CA VAL B 10 8.66 -5.05 -1.43
C VAL B 10 8.68 -3.54 -1.03
N PRO B 11 8.93 -2.60 -1.95
CA PRO B 11 8.95 -1.14 -1.62
C PRO B 11 7.60 -0.62 -1.12
N ILE B 12 6.49 -1.05 -1.77
CA ILE B 12 5.16 -0.58 -1.35
C ILE B 12 4.86 -1.05 0.08
N PHE B 13 5.21 -2.31 0.36
CA PHE B 13 5.02 -2.87 1.69
C PHE B 13 5.85 -2.06 2.68
N LEU B 14 7.04 -1.62 2.25
CA LEU B 14 7.90 -0.81 3.08
C LEU B 14 7.18 0.49 3.45
N LEU B 15 6.46 1.09 2.47
CA LEU B 15 5.71 2.34 2.74
C LEU B 15 4.68 2.08 3.83
N LEU B 16 3.92 1.00 3.68
CA LEU B 16 2.88 0.64 4.64
C LEU B 16 3.47 0.49 6.05
N THR B 17 4.61 -0.20 6.15
CA THR B 17 5.27 -0.40 7.43
C THR B 17 5.65 0.96 8.04
N GLY B 18 6.14 1.87 7.19
CA GLY B 18 6.51 3.21 7.65
C GLY B 18 5.28 3.92 8.23
N PHE B 19 4.12 3.72 7.59
CA PHE B 19 2.88 4.33 8.04
C PHE B 19 2.51 3.77 9.43
N VAL B 20 2.74 2.46 9.63
CA VAL B 20 2.46 1.84 10.92
C VAL B 20 3.33 2.53 11.99
N HIS B 21 4.60 2.77 11.63
CA HIS B 21 5.53 3.45 12.53
C HIS B 21 5.04 4.88 12.82
N LEU B 22 4.41 5.52 11.82
CA LEU B 22 3.89 6.88 11.95
C LEU B 22 2.80 6.91 13.02
N LEU B 23 1.89 5.94 12.97
CA LEU B 23 0.79 5.87 13.93
C LEU B 23 1.30 5.55 15.35
N PHE B 24 2.24 4.60 15.46
CA PHE B 24 2.79 4.24 16.76
C PHE B 24 3.54 5.41 17.39
N LYS B 25 4.23 6.21 16.55
CA LYS B 25 5.00 7.35 17.02
C LYS B 25 4.09 8.37 17.72
N LEU B 26 2.87 8.54 17.22
CA LEU B 26 1.93 9.50 17.82
C LEU B 26 0.88 8.79 18.70
N SER B 27 1.14 7.52 19.07
CA SER B 27 0.21 6.77 19.91
C SER B 27 0.98 5.98 20.99
N PRO B 28 1.35 6.61 22.11
CA PRO B 28 2.09 5.95 23.21
C PRO B 28 1.14 5.38 24.27
N ARG B 29 -0.04 4.95 23.83
CA ARG B 29 -1.05 4.37 24.74
C ARG B 29 -0.68 2.94 25.17
N LEU B 30 0.37 2.37 24.57
CA LEU B 30 0.80 1.00 24.92
C LEU B 30 1.42 0.99 26.31
N LYS B 31 0.89 0.13 27.19
CA LYS B 31 1.39 0.02 28.56
C LYS B 31 2.83 -0.48 28.57
N GLU A 1 -7.60 -11.34 -31.96
CA GLU A 1 -6.62 -10.91 -30.92
C GLU A 1 -7.11 -9.61 -30.28
N GLU A 2 -7.35 -9.66 -28.97
CA GLU A 2 -7.82 -8.50 -28.22
C GLU A 2 -6.72 -7.97 -27.29
N ASN A 3 -6.61 -6.64 -27.20
CA ASN A 3 -5.61 -5.99 -26.36
C ASN A 3 -6.14 -5.78 -24.92
N PRO A 4 -7.32 -5.17 -24.75
CA PRO A 4 -7.88 -4.94 -23.38
C PRO A 4 -7.80 -6.19 -22.50
N SER A 5 -7.89 -7.36 -23.12
CA SER A 5 -7.84 -8.63 -22.40
C SER A 5 -6.51 -8.77 -21.63
N LEU A 6 -5.40 -8.42 -22.29
CA LEU A 6 -4.08 -8.51 -21.67
C LEU A 6 -3.89 -7.42 -20.61
N PHE A 7 -4.61 -6.29 -20.72
CA PHE A 7 -4.45 -5.20 -19.76
C PHE A 7 -5.06 -5.61 -18.40
N ALA A 8 -5.87 -6.69 -18.38
CA ALA A 8 -6.44 -7.19 -17.13
C ALA A 8 -5.32 -7.33 -16.09
N LEU A 9 -4.14 -7.76 -16.56
CA LEU A 9 -2.93 -7.89 -15.74
C LEU A 9 -3.22 -8.43 -14.33
N GLU A 10 -2.88 -9.69 -14.09
CA GLU A 10 -3.09 -10.28 -12.77
C GLU A 10 -2.16 -9.62 -11.72
N ALA A 11 -0.94 -9.28 -12.15
CA ALA A 11 0.05 -8.66 -11.26
C ALA A 11 -0.29 -7.23 -10.85
N VAL A 12 -1.20 -6.55 -11.57
CA VAL A 12 -1.54 -5.15 -11.26
C VAL A 12 -2.67 -5.03 -10.20
N LEU A 13 -3.63 -5.96 -10.26
CA LEU A 13 -4.78 -5.94 -9.35
C LEU A 13 -4.36 -5.97 -7.87
N ILE A 14 -3.35 -6.77 -7.55
CA ILE A 14 -2.88 -6.90 -6.16
C ILE A 14 -2.12 -5.63 -5.64
N PRO A 15 -1.08 -5.15 -6.34
CA PRO A 15 -0.29 -3.96 -5.89
C PRO A 15 -1.15 -2.71 -5.78
N VAL A 16 -2.02 -2.48 -6.78
CA VAL A 16 -2.90 -1.32 -6.77
C VAL A 16 -3.73 -1.32 -5.47
N GLY A 17 -4.06 -2.53 -4.97
CA GLY A 17 -4.82 -2.64 -3.73
C GLY A 17 -4.02 -2.05 -2.56
N THR A 18 -2.76 -2.48 -2.45
CA THR A 18 -1.88 -2.00 -1.40
C THR A 18 -1.62 -0.50 -1.57
N VAL A 19 -1.50 -0.04 -2.82
CA VAL A 19 -1.30 1.38 -3.10
C VAL A 19 -2.47 2.16 -2.48
N GLY A 20 -3.68 1.66 -2.68
CA GLY A 20 -4.88 2.29 -2.13
C GLY A 20 -4.76 2.36 -0.61
N LEU A 21 -4.32 1.26 0.02
CA LEU A 21 -4.17 1.24 1.49
C LEU A 21 -3.19 2.33 1.96
N ILE A 22 -2.07 2.47 1.27
CA ILE A 22 -1.04 3.46 1.62
C ILE A 22 -1.64 4.89 1.55
N ILE A 23 -2.32 5.19 0.44
CA ILE A 23 -2.95 6.49 0.24
C ILE A 23 -3.99 6.75 1.35
N THR A 24 -4.69 5.69 1.74
CA THR A 24 -5.71 5.78 2.79
C THR A 24 -5.08 6.17 4.12
N LEU A 25 -3.92 5.57 4.43
CA LEU A 25 -3.22 5.85 5.68
C LEU A 25 -2.74 7.31 5.73
N ILE A 26 -2.13 7.80 4.65
CA ILE A 26 -1.66 9.18 4.61
C ILE A 26 -2.85 10.14 4.68
N PHE A 27 -3.98 9.75 4.07
CA PHE A 27 -5.18 10.58 4.06
C PHE A 27 -5.77 10.72 5.47
N VAL A 28 -5.86 9.61 6.20
CA VAL A 28 -6.42 9.64 7.56
C VAL A 28 -5.50 10.41 8.50
N TYR A 29 -4.19 10.24 8.33
CA TYR A 29 -3.21 10.94 9.16
C TYR A 29 -3.27 12.45 8.90
N PHE A 30 -3.40 12.82 7.63
CA PHE A 30 -3.47 14.22 7.23
C PHE A 30 -4.74 14.88 7.78
N TRP A 31 -5.86 14.17 7.67
CA TRP A 31 -7.14 14.68 8.15
C TRP A 31 -7.11 14.89 9.66
N LEU A 32 -6.59 13.89 10.38
CA LEU A 32 -6.50 13.96 11.84
C LEU A 32 -5.61 15.12 12.26
N GLU A 33 -4.47 15.28 11.59
CA GLU A 33 -3.53 16.36 11.90
C GLU A 33 -3.77 17.57 10.99
N ARG A 34 -4.36 18.63 11.57
CA ARG A 34 -4.64 19.85 10.82
C ARG A 34 -3.35 20.56 10.42
N GLN B 1 6.74 -14.32 -16.46
CA GLN B 1 7.84 -13.35 -16.71
C GLN B 1 7.44 -11.98 -16.14
N TRP B 2 8.33 -11.00 -16.27
CA TRP B 2 8.08 -9.65 -15.76
C TRP B 2 7.85 -9.71 -14.25
N SER B 3 8.91 -9.50 -13.47
CA SER B 3 8.83 -9.55 -12.01
C SER B 3 8.45 -8.17 -11.45
N ALA B 4 7.42 -7.55 -12.04
CA ALA B 4 6.95 -6.24 -11.60
C ALA B 4 6.34 -6.31 -10.18
N SER B 5 5.67 -7.42 -9.88
CA SER B 5 5.00 -7.59 -8.59
C SER B 5 5.94 -7.50 -7.40
N ILE B 6 7.11 -8.14 -7.46
CA ILE B 6 8.05 -8.11 -6.33
C ILE B 6 8.71 -6.73 -6.14
N LEU B 7 9.08 -6.09 -7.25
CA LEU B 7 9.72 -4.77 -7.19
C LEU B 7 8.75 -3.70 -6.73
N VAL B 8 7.47 -3.83 -7.07
CA VAL B 8 6.45 -2.87 -6.66
C VAL B 8 6.08 -3.10 -5.17
N VAL B 9 5.84 -4.36 -4.83
CA VAL B 9 5.44 -4.77 -3.48
C VAL B 9 6.52 -4.45 -2.42
N VAL B 10 7.82 -4.51 -2.74
CA VAL B 10 8.83 -4.22 -1.71
C VAL B 10 8.70 -2.74 -1.20
N PRO B 11 8.75 -1.73 -2.08
CA PRO B 11 8.61 -0.30 -1.66
C PRO B 11 7.24 -0.03 -1.03
N ILE B 12 6.18 -0.62 -1.61
CA ILE B 12 4.83 -0.43 -1.08
C ILE B 12 4.77 -0.94 0.36
N PHE B 13 5.36 -2.12 0.59
CA PHE B 13 5.39 -2.70 1.93
C PHE B 13 6.14 -1.76 2.87
N LEU B 14 7.19 -1.13 2.36
CA LEU B 14 7.96 -0.18 3.16
C LEU B 14 7.06 0.98 3.60
N LEU B 15 6.20 1.48 2.69
CA LEU B 15 5.30 2.60 3.02
C LEU B 15 4.31 2.17 4.10
N LEU B 16 3.71 0.99 3.93
CA LEU B 16 2.72 0.49 4.88
C LEU B 16 3.35 0.38 6.27
N THR B 17 4.55 -0.20 6.34
CA THR B 17 5.25 -0.34 7.62
C THR B 17 5.53 1.05 8.20
N GLY B 18 5.83 2.01 7.32
CA GLY B 18 6.10 3.37 7.75
C GLY B 18 4.88 3.95 8.47
N PHE B 19 3.69 3.70 7.92
CA PHE B 19 2.46 4.20 8.52
C PHE B 19 2.17 3.49 9.84
N VAL B 20 2.48 2.19 9.94
CA VAL B 20 2.25 1.45 11.20
C VAL B 20 3.09 2.12 12.29
N HIS B 21 4.36 2.38 11.97
CA HIS B 21 5.27 3.06 12.90
C HIS B 21 4.71 4.45 13.23
N LEU B 22 4.10 5.09 12.24
CA LEU B 22 3.51 6.42 12.40
C LEU B 22 2.42 6.38 13.48
N LEU B 23 1.59 5.35 13.41
CA LEU B 23 0.50 5.14 14.37
C LEU B 23 1.07 4.93 15.77
N PHE B 24 2.13 4.12 15.86
CA PHE B 24 2.78 3.84 17.14
C PHE B 24 3.28 5.15 17.77
N LYS B 25 3.88 6.00 16.94
CA LYS B 25 4.40 7.29 17.39
C LYS B 25 3.24 8.19 17.87
N LEU B 26 2.09 8.07 17.21
CA LEU B 26 0.91 8.87 17.56
C LEU B 26 0.14 8.26 18.75
N SER B 27 0.42 6.99 19.08
CA SER B 27 -0.25 6.33 20.20
C SER B 27 0.77 5.44 20.98
N PRO B 28 1.61 6.05 21.82
CA PRO B 28 2.62 5.29 22.61
C PRO B 28 2.10 4.81 23.97
N ARG B 29 0.80 4.48 24.01
CA ARG B 29 0.17 3.99 25.24
C ARG B 29 0.39 2.46 25.43
N LEU B 30 1.01 1.81 24.44
CA LEU B 30 1.26 0.37 24.50
C LEU B 30 2.65 0.09 25.06
N LYS B 31 2.75 -0.86 25.99
CA LYS B 31 4.02 -1.23 26.61
C LYS B 31 4.98 -1.82 25.58
N GLU A 1 1.97 -17.59 -27.07
CA GLU A 1 0.75 -17.49 -26.19
C GLU A 1 0.30 -16.03 -26.12
N GLU A 2 -0.50 -15.62 -27.11
CA GLU A 2 -1.02 -14.25 -27.16
C GLU A 2 -2.41 -14.17 -26.54
N ASN A 3 -2.50 -13.56 -25.36
CA ASN A 3 -3.77 -13.42 -24.65
C ASN A 3 -3.76 -12.18 -23.75
N PRO A 4 -4.92 -11.55 -23.47
CA PRO A 4 -4.99 -10.35 -22.59
C PRO A 4 -5.07 -10.69 -21.09
N SER A 5 -5.04 -11.99 -20.77
CA SER A 5 -5.12 -12.45 -19.38
C SER A 5 -3.94 -11.90 -18.56
N LEU A 6 -2.75 -11.89 -19.17
CA LEU A 6 -1.55 -11.40 -18.49
C LEU A 6 -1.63 -9.91 -18.17
N PHE A 7 -2.41 -9.14 -18.96
CA PHE A 7 -2.54 -7.71 -18.71
C PHE A 7 -3.34 -7.48 -17.43
N ALA A 8 -4.41 -8.28 -17.25
CA ALA A 8 -5.24 -8.18 -16.06
C ALA A 8 -4.71 -9.08 -14.94
N LEU A 9 -3.38 -9.31 -14.94
CA LEU A 9 -2.75 -10.15 -13.92
C LEU A 9 -2.85 -9.51 -12.53
N GLU A 10 -2.50 -10.27 -11.51
CA GLU A 10 -2.61 -9.80 -10.12
C GLU A 10 -1.62 -8.69 -9.75
N ALA A 11 -0.41 -8.74 -10.29
CA ALA A 11 0.64 -7.76 -9.93
C ALA A 11 0.34 -6.31 -10.35
N VAL A 12 -0.59 -6.07 -11.28
CA VAL A 12 -0.88 -4.68 -11.71
C VAL A 12 -1.84 -3.95 -10.75
N LEU A 13 -2.96 -4.59 -10.38
CA LEU A 13 -3.95 -3.97 -9.50
C LEU A 13 -3.54 -3.99 -8.01
N ILE A 14 -3.01 -5.12 -7.55
CA ILE A 14 -2.61 -5.27 -6.14
C ILE A 14 -1.74 -4.08 -5.64
N PRO A 15 -0.67 -3.67 -6.33
CA PRO A 15 0.22 -2.57 -5.84
C PRO A 15 -0.50 -1.22 -5.73
N VAL A 16 -1.26 -0.86 -6.77
CA VAL A 16 -2.00 0.41 -6.77
C VAL A 16 -3.06 0.39 -5.66
N GLY A 17 -3.70 -0.77 -5.46
CA GLY A 17 -4.73 -0.91 -4.45
C GLY A 17 -4.18 -0.71 -3.03
N THR A 18 -3.08 -1.41 -2.71
CA THR A 18 -2.47 -1.31 -1.39
C THR A 18 -1.84 0.07 -1.16
N VAL A 19 -1.09 0.57 -2.15
CA VAL A 19 -0.45 1.89 -2.03
C VAL A 19 -1.53 2.93 -1.73
N GLY A 20 -2.60 2.87 -2.50
CA GLY A 20 -3.72 3.76 -2.30
C GLY A 20 -4.30 3.55 -0.90
N LEU A 21 -4.27 2.30 -0.41
CA LEU A 21 -4.81 1.99 0.92
C LEU A 21 -4.05 2.72 2.03
N ILE A 22 -2.70 2.62 2.07
CA ILE A 22 -1.93 3.30 3.12
C ILE A 22 -2.13 4.81 3.00
N ILE A 23 -2.07 5.33 1.76
CA ILE A 23 -2.25 6.77 1.52
C ILE A 23 -3.61 7.23 2.08
N THR A 24 -4.64 6.43 1.83
CA THR A 24 -5.98 6.74 2.32
C THR A 24 -5.98 6.78 3.85
N LEU A 25 -5.25 5.84 4.46
CA LEU A 25 -5.18 5.75 5.92
C LEU A 25 -4.58 7.03 6.53
N ILE A 26 -3.45 7.50 5.97
CA ILE A 26 -2.81 8.71 6.49
C ILE A 26 -3.72 9.92 6.28
N PHE A 27 -4.47 9.94 5.17
CA PHE A 27 -5.36 11.06 4.88
C PHE A 27 -6.51 11.12 5.89
N VAL A 28 -7.14 9.98 6.18
CA VAL A 28 -8.25 9.93 7.14
C VAL A 28 -7.75 10.27 8.55
N TYR A 29 -6.54 9.80 8.89
CA TYR A 29 -5.96 10.07 10.19
C TYR A 29 -5.72 11.58 10.36
N PHE A 30 -5.17 12.19 9.30
CA PHE A 30 -4.88 13.62 9.31
C PHE A 30 -6.17 14.42 9.46
N TRP A 31 -7.21 14.00 8.74
CA TRP A 31 -8.51 14.67 8.81
C TRP A 31 -9.09 14.60 10.23
N LEU A 32 -8.96 13.42 10.85
CA LEU A 32 -9.46 13.22 12.21
C LEU A 32 -8.68 14.06 13.22
N GLU A 33 -7.38 14.25 12.98
CA GLU A 33 -6.52 15.03 13.88
C GLU A 33 -6.51 14.42 15.28
N ARG A 34 -5.67 14.99 16.16
CA ARG A 34 -5.55 14.51 17.53
C ARG A 34 -6.12 15.55 18.50
N GLN B 1 10.53 -16.04 -16.37
CA GLN B 1 10.81 -14.77 -17.10
C GLN B 1 10.57 -13.58 -16.17
N TRP B 2 11.64 -13.14 -15.49
CA TRP B 2 11.56 -12.02 -14.56
C TRP B 2 10.48 -12.29 -13.49
N SER B 3 10.37 -11.37 -12.53
CA SER B 3 9.37 -11.52 -11.46
C SER B 3 8.88 -10.14 -11.00
N ALA B 4 7.90 -9.60 -11.73
CA ALA B 4 7.32 -8.29 -11.42
C ALA B 4 6.58 -8.30 -10.08
N SER B 5 6.04 -9.46 -9.69
CA SER B 5 5.31 -9.58 -8.43
C SER B 5 6.19 -9.20 -7.24
N ILE B 6 7.43 -9.69 -7.23
CA ILE B 6 8.39 -9.39 -6.16
C ILE B 6 8.87 -7.93 -6.25
N LEU B 7 8.94 -7.40 -7.47
CA LEU B 7 9.42 -6.03 -7.66
C LEU B 7 8.44 -5.03 -7.11
N VAL B 8 7.15 -5.26 -7.30
CA VAL B 8 6.13 -4.35 -6.76
C VAL B 8 5.94 -4.59 -5.26
N VAL B 9 5.98 -5.87 -4.85
CA VAL B 9 5.79 -6.25 -3.44
C VAL B 9 6.83 -5.57 -2.53
N VAL B 10 8.11 -5.46 -2.96
CA VAL B 10 9.11 -4.83 -2.09
C VAL B 10 8.72 -3.36 -1.73
N PRO B 11 8.48 -2.47 -2.69
CA PRO B 11 8.10 -1.04 -2.39
C PRO B 11 6.78 -0.90 -1.63
N ILE B 12 5.74 -1.69 -1.97
CA ILE B 12 4.45 -1.56 -1.27
C ILE B 12 4.56 -2.05 0.18
N PHE B 13 5.28 -3.14 0.41
CA PHE B 13 5.45 -3.69 1.75
C PHE B 13 6.28 -2.73 2.61
N LEU B 14 7.38 -2.23 2.06
CA LEU B 14 8.25 -1.30 2.77
C LEU B 14 7.48 -0.01 3.10
N LEU B 15 6.65 0.43 2.16
CA LEU B 15 5.83 1.64 2.34
C LEU B 15 4.80 1.43 3.45
N LEU B 16 4.20 0.24 3.48
CA LEU B 16 3.19 -0.08 4.48
C LEU B 16 3.83 -0.07 5.88
N THR B 17 5.00 -0.69 5.99
CA THR B 17 5.73 -0.76 7.27
C THR B 17 6.15 0.64 7.74
N GLY B 18 6.69 1.46 6.84
CA GLY B 18 7.14 2.81 7.18
C GLY B 18 5.97 3.65 7.69
N PHE B 19 4.83 3.55 7.01
CA PHE B 19 3.64 4.30 7.41
C PHE B 19 3.12 3.79 8.76
N VAL B 20 3.22 2.47 9.00
CA VAL B 20 2.80 1.90 10.28
C VAL B 20 3.64 2.54 11.39
N HIS B 21 4.95 2.71 11.13
CA HIS B 21 5.84 3.34 12.08
C HIS B 21 5.42 4.80 12.31
N LEU B 22 4.97 5.46 11.22
CA LEU B 22 4.52 6.85 11.30
C LEU B 22 3.35 6.97 12.28
N LEU B 23 2.40 6.04 12.16
CA LEU B 23 1.22 6.02 13.04
C LEU B 23 1.64 5.71 14.48
N PHE B 24 2.60 4.81 14.64
CA PHE B 24 3.09 4.42 15.97
C PHE B 24 3.66 5.63 16.71
N LYS B 25 4.45 6.44 16.02
CA LYS B 25 5.07 7.62 16.62
C LYS B 25 4.01 8.61 17.10
N LEU B 26 2.95 8.78 16.31
CA LEU B 26 1.86 9.70 16.66
C LEU B 26 0.63 8.94 17.22
N SER B 27 0.84 7.69 17.64
CA SER B 27 -0.25 6.88 18.17
C SER B 27 -0.90 7.56 19.40
N PRO B 28 -2.20 7.37 19.64
CA PRO B 28 -2.90 8.01 20.80
C PRO B 28 -2.69 7.24 22.10
N ARG B 29 -2.58 7.96 23.21
CA ARG B 29 -2.38 7.33 24.52
C ARG B 29 -3.70 6.80 25.10
N LEU B 30 -4.84 7.22 24.53
CA LEU B 30 -6.16 6.77 25.00
C LEU B 30 -6.53 5.44 24.35
N LYS B 31 -7.25 4.60 25.09
CA LYS B 31 -7.67 3.29 24.59
C LYS B 31 -8.94 2.80 25.31
N GLU A 1 -10.92 -2.79 -30.78
CA GLU A 1 -11.97 -3.66 -30.15
C GLU A 1 -11.34 -4.99 -29.69
N GLU A 2 -10.11 -4.90 -29.18
CA GLU A 2 -9.39 -6.09 -28.71
C GLU A 2 -9.15 -6.01 -27.20
N ASN A 3 -9.70 -6.98 -26.46
CA ASN A 3 -9.53 -7.02 -25.00
C ASN A 3 -8.75 -8.28 -24.58
N PRO A 4 -7.42 -8.23 -24.51
CA PRO A 4 -6.59 -9.41 -24.11
C PRO A 4 -6.79 -9.80 -22.64
N SER A 5 -6.97 -11.09 -22.39
CA SER A 5 -7.16 -11.60 -21.03
C SER A 5 -5.88 -11.42 -20.18
N LEU A 6 -4.72 -11.46 -20.84
CA LEU A 6 -3.44 -11.31 -20.15
C LEU A 6 -3.33 -9.96 -19.45
N PHE A 7 -4.06 -8.94 -19.92
CA PHE A 7 -3.99 -7.61 -19.30
C PHE A 7 -4.66 -7.60 -17.91
N ALA A 8 -5.11 -8.77 -17.43
CA ALA A 8 -5.67 -8.87 -16.08
C ALA A 8 -4.54 -9.21 -15.08
N LEU A 9 -3.32 -8.72 -15.40
CA LEU A 9 -2.12 -8.94 -14.61
C LEU A 9 -2.41 -8.82 -13.11
N GLU A 10 -2.06 -9.84 -12.35
CA GLU A 10 -2.28 -9.82 -10.91
C GLU A 10 -1.34 -8.80 -10.25
N ALA A 11 -0.11 -8.69 -10.77
CA ALA A 11 0.90 -7.77 -10.23
C ALA A 11 0.55 -6.30 -10.49
N VAL A 12 -0.36 -6.01 -11.42
CA VAL A 12 -0.70 -4.62 -11.74
C VAL A 12 -1.83 -4.08 -10.82
N LEU A 13 -2.79 -4.94 -10.47
CA LEU A 13 -3.92 -4.54 -9.61
C LEU A 13 -3.51 -4.47 -8.13
N ILE A 14 -2.85 -5.54 -7.66
CA ILE A 14 -2.42 -5.63 -6.25
C ILE A 14 -1.71 -4.33 -5.76
N PRO A 15 -0.72 -3.78 -6.48
CA PRO A 15 0.02 -2.56 -6.03
C PRO A 15 -0.90 -1.35 -5.92
N VAL A 16 -1.79 -1.20 -6.90
CA VAL A 16 -2.74 -0.08 -6.90
C VAL A 16 -3.62 -0.17 -5.64
N GLY A 17 -3.98 -1.39 -5.26
CA GLY A 17 -4.81 -1.60 -4.05
C GLY A 17 -4.06 -1.13 -2.80
N THR A 18 -2.79 -1.53 -2.70
CA THR A 18 -1.95 -1.15 -1.57
C THR A 18 -1.75 0.37 -1.57
N VAL A 19 -1.58 0.95 -2.75
CA VAL A 19 -1.43 2.41 -2.88
C VAL A 19 -2.66 3.08 -2.27
N GLY A 20 -3.83 2.53 -2.58
CA GLY A 20 -5.09 3.05 -2.06
C GLY A 20 -5.11 2.98 -0.53
N LEU A 21 -4.59 1.88 0.02
CA LEU A 21 -4.53 1.70 1.48
C LEU A 21 -3.64 2.78 2.13
N ILE A 22 -2.47 3.00 1.53
CA ILE A 22 -1.50 3.98 2.04
C ILE A 22 -2.12 5.39 2.04
N ILE A 23 -2.70 5.79 0.91
CA ILE A 23 -3.34 7.12 0.80
C ILE A 23 -4.50 7.21 1.81
N THR A 24 -5.20 6.09 2.04
CA THR A 24 -6.30 6.08 3.01
C THR A 24 -5.74 6.41 4.39
N LEU A 25 -4.57 5.84 4.71
CA LEU A 25 -3.91 6.07 5.99
C LEU A 25 -3.54 7.55 6.16
N ILE A 26 -3.00 8.17 5.10
CA ILE A 26 -2.61 9.58 5.18
C ILE A 26 -3.87 10.45 5.36
N PHE A 27 -4.97 10.07 4.70
CA PHE A 27 -6.23 10.81 4.79
C PHE A 27 -6.77 10.79 6.23
N VAL A 28 -6.81 9.60 6.83
CA VAL A 28 -7.30 9.49 8.22
C VAL A 28 -6.36 10.26 9.16
N TYR A 29 -5.06 10.24 8.86
CA TYR A 29 -4.08 10.97 9.66
C TYR A 29 -4.44 12.46 9.68
N PHE A 30 -4.71 13.01 8.49
CA PHE A 30 -5.08 14.43 8.36
C PHE A 30 -6.39 14.72 9.11
N TRP A 31 -7.33 13.78 9.04
CA TRP A 31 -8.63 13.94 9.70
C TRP A 31 -8.43 14.06 11.22
N LEU A 32 -7.58 13.19 11.77
CA LEU A 32 -7.30 13.20 13.21
C LEU A 32 -6.61 14.50 13.61
N GLU A 33 -5.63 14.93 12.80
CA GLU A 33 -4.90 16.17 13.08
C GLU A 33 -5.76 17.39 12.77
N ARG A 34 -5.89 18.28 13.76
CA ARG A 34 -6.70 19.50 13.61
C ARG A 34 -8.17 19.16 13.35
N GLN B 1 1.73 -12.67 -12.02
CA GLN B 1 2.58 -13.05 -10.85
C GLN B 1 3.80 -13.87 -11.34
N TRP B 2 4.38 -13.44 -12.46
CA TRP B 2 5.55 -14.13 -13.03
C TRP B 2 6.79 -13.89 -12.16
N SER B 3 7.04 -12.62 -11.83
CA SER B 3 8.20 -12.25 -11.02
C SER B 3 8.14 -10.76 -10.63
N ALA B 4 7.59 -9.93 -11.54
CA ALA B 4 7.47 -8.50 -11.30
C ALA B 4 6.67 -8.20 -10.03
N SER B 5 5.73 -9.10 -9.70
CA SER B 5 4.90 -8.92 -8.52
C SER B 5 5.74 -8.83 -7.24
N ILE B 6 6.73 -9.71 -7.12
CA ILE B 6 7.61 -9.73 -5.93
C ILE B 6 8.46 -8.45 -5.86
N LEU B 7 8.89 -7.96 -7.03
CA LEU B 7 9.75 -6.77 -7.08
C LEU B 7 8.97 -5.53 -6.67
N VAL B 8 7.69 -5.45 -7.04
CA VAL B 8 6.86 -4.31 -6.63
C VAL B 8 6.44 -4.48 -5.15
N VAL B 9 6.26 -5.75 -4.75
CA VAL B 9 5.86 -6.11 -3.39
C VAL B 9 6.88 -5.58 -2.35
N VAL B 10 8.19 -5.70 -2.62
CA VAL B 10 9.18 -5.22 -1.63
C VAL B 10 9.03 -3.69 -1.34
N PRO B 11 9.08 -2.79 -2.34
CA PRO B 11 8.94 -1.32 -2.10
C PRO B 11 7.58 -0.93 -1.52
N ILE B 12 6.51 -1.56 -2.01
CA ILE B 12 5.16 -1.22 -1.51
C ILE B 12 5.03 -1.63 -0.04
N PHE B 13 5.61 -2.79 0.33
CA PHE B 13 5.56 -3.25 1.72
C PHE B 13 6.35 -2.28 2.61
N LEU B 14 7.48 -1.80 2.10
CA LEU B 14 8.31 -0.85 2.87
C LEU B 14 7.52 0.44 3.14
N LEU B 15 6.79 0.91 2.11
CA LEU B 15 5.97 2.13 2.24
C LEU B 15 4.84 1.91 3.27
N LEU B 16 4.19 0.75 3.21
CA LEU B 16 3.10 0.44 4.13
C LEU B 16 3.62 0.39 5.56
N THR B 17 4.75 -0.29 5.77
CA THR B 17 5.37 -0.40 7.08
C THR B 17 5.74 0.98 7.61
N GLY B 18 6.21 1.85 6.71
CA GLY B 18 6.58 3.21 7.10
C GLY B 18 5.36 3.94 7.66
N PHE B 19 4.21 3.77 6.99
CA PHE B 19 2.96 4.40 7.44
C PHE B 19 2.54 3.85 8.80
N VAL B 20 2.70 2.54 8.99
CA VAL B 20 2.35 1.90 10.27
C VAL B 20 3.21 2.53 11.37
N HIS B 21 4.50 2.76 11.08
CA HIS B 21 5.41 3.38 12.05
C HIS B 21 4.96 4.82 12.33
N LEU B 22 4.45 5.50 11.30
CA LEU B 22 3.98 6.88 11.43
C LEU B 22 2.85 6.95 12.46
N LEU B 23 1.89 6.02 12.36
CA LEU B 23 0.76 5.97 13.29
C LEU B 23 1.23 5.52 14.68
N PHE B 24 2.17 4.58 14.72
CA PHE B 24 2.72 4.06 15.97
C PHE B 24 3.37 5.18 16.80
N LYS B 25 4.02 6.13 16.11
CA LYS B 25 4.70 7.24 16.78
C LYS B 25 3.69 8.08 17.58
N LEU B 26 2.48 8.24 17.04
CA LEU B 26 1.43 9.02 17.70
C LEU B 26 0.41 8.11 18.41
N SER B 27 0.78 6.84 18.65
CA SER B 27 -0.10 5.89 19.33
C SER B 27 0.17 5.89 20.85
N PRO B 28 -0.66 5.23 21.65
CA PRO B 28 -0.46 5.19 23.13
C PRO B 28 0.81 4.44 23.52
N ARG B 29 1.70 5.12 24.26
CA ARG B 29 2.97 4.51 24.68
C ARG B 29 2.86 3.86 26.08
N LEU B 30 1.67 3.91 26.68
CA LEU B 30 1.46 3.32 28.01
C LEU B 30 0.86 1.91 27.89
N LYS B 31 1.46 0.95 28.61
CA LYS B 31 1.00 -0.43 28.57
C LYS B 31 0.91 -0.95 27.14
N GLU A 1 -9.24 -5.27 -29.65
CA GLU A 1 -10.63 -5.12 -29.12
C GLU A 1 -11.29 -6.50 -28.96
N GLU A 2 -10.48 -7.50 -28.57
CA GLU A 2 -10.98 -8.87 -28.38
C GLU A 2 -11.06 -9.22 -26.89
N ASN A 3 -10.07 -8.76 -26.12
CA ASN A 3 -10.01 -9.03 -24.68
C ASN A 3 -8.81 -8.29 -24.02
N PRO A 4 -9.00 -7.07 -23.55
CA PRO A 4 -7.89 -6.29 -22.91
C PRO A 4 -7.76 -6.59 -21.41
N SER A 5 -8.22 -7.77 -21.00
CA SER A 5 -8.15 -8.19 -19.59
C SER A 5 -6.70 -8.37 -19.12
N LEU A 6 -5.80 -8.67 -20.06
CA LEU A 6 -4.38 -8.86 -19.72
C LEU A 6 -3.79 -7.58 -19.10
N PHE A 7 -4.35 -6.41 -19.44
CA PHE A 7 -3.86 -5.16 -18.87
C PHE A 7 -4.25 -5.09 -17.40
N ALA A 8 -5.49 -5.47 -17.09
CA ALA A 8 -5.99 -5.46 -15.72
C ALA A 8 -5.71 -6.82 -15.04
N LEU A 9 -4.58 -7.45 -15.42
CA LEU A 9 -4.20 -8.73 -14.86
C LEU A 9 -4.06 -8.66 -13.33
N GLU A 10 -3.58 -9.74 -12.72
CA GLU A 10 -3.45 -9.81 -11.26
C GLU A 10 -2.36 -8.89 -10.67
N ALA A 11 -1.18 -8.85 -11.31
CA ALA A 11 -0.05 -8.07 -10.78
C ALA A 11 -0.28 -6.56 -10.78
N VAL A 12 -1.23 -6.05 -11.55
CA VAL A 12 -1.47 -4.60 -11.59
C VAL A 12 -2.44 -4.13 -10.50
N LEU A 13 -3.46 -4.96 -10.24
CA LEU A 13 -4.50 -4.63 -9.25
C LEU A 13 -4.00 -4.64 -7.79
N ILE A 14 -3.14 -5.60 -7.42
CA ILE A 14 -2.69 -5.71 -6.03
C ILE A 14 -1.71 -4.56 -5.64
N PRO A 15 -0.61 -4.31 -6.36
CA PRO A 15 0.36 -3.22 -6.01
C PRO A 15 -0.33 -1.86 -5.95
N VAL A 16 -1.16 -1.57 -6.94
CA VAL A 16 -1.90 -0.30 -6.97
C VAL A 16 -2.86 -0.24 -5.77
N GLY A 17 -3.47 -1.39 -5.45
CA GLY A 17 -4.41 -1.47 -4.32
C GLY A 17 -3.72 -1.10 -3.01
N THR A 18 -2.50 -1.62 -2.80
CA THR A 18 -1.74 -1.33 -1.58
C THR A 18 -1.41 0.17 -1.53
N VAL A 19 -1.05 0.75 -2.68
CA VAL A 19 -0.73 2.18 -2.77
C VAL A 19 -1.94 2.98 -2.27
N GLY A 20 -3.13 2.60 -2.75
CA GLY A 20 -4.36 3.25 -2.35
C GLY A 20 -4.55 3.11 -0.84
N LEU A 21 -4.20 1.94 -0.29
CA LEU A 21 -4.34 1.70 1.15
C LEU A 21 -3.48 2.68 1.95
N ILE A 22 -2.22 2.84 1.55
CA ILE A 22 -1.29 3.74 2.23
C ILE A 22 -1.83 5.19 2.20
N ILE A 23 -2.21 5.64 1.01
CA ILE A 23 -2.75 7.00 0.85
C ILE A 23 -3.99 7.16 1.75
N THR A 24 -4.81 6.12 1.83
CA THR A 24 -6.01 6.16 2.67
C THR A 24 -5.63 6.34 4.13
N LEU A 25 -4.56 5.67 4.56
CA LEU A 25 -4.11 5.76 5.95
C LEU A 25 -3.69 7.20 6.29
N ILE A 26 -2.87 7.83 5.45
CA ILE A 26 -2.42 9.21 5.71
C ILE A 26 -3.61 10.18 5.65
N PHE A 27 -4.56 9.93 4.76
CA PHE A 27 -5.75 10.80 4.63
C PHE A 27 -6.63 10.66 5.87
N VAL A 28 -6.70 9.45 6.41
CA VAL A 28 -7.49 9.14 7.59
C VAL A 28 -6.87 9.84 8.81
N TYR A 29 -5.54 9.76 8.93
CA TYR A 29 -4.83 10.40 10.03
C TYR A 29 -5.00 11.91 9.97
N PHE A 30 -4.90 12.47 8.76
CA PHE A 30 -5.04 13.90 8.55
C PHE A 30 -6.44 14.38 8.95
N TRP A 31 -7.46 13.61 8.56
CA TRP A 31 -8.84 13.96 8.87
C TRP A 31 -9.09 13.91 10.38
N LEU A 32 -8.55 12.86 11.02
CA LEU A 32 -8.71 12.68 12.46
C LEU A 32 -8.04 13.83 13.23
N GLU A 33 -6.88 14.28 12.75
CA GLU A 33 -6.15 15.37 13.40
C GLU A 33 -7.08 16.55 13.70
N ARG A 34 -7.98 16.86 12.75
CA ARG A 34 -8.93 17.96 12.91
C ARG A 34 -8.20 19.26 13.31
N GLN B 1 10.96 -10.72 -15.74
CA GLN B 1 9.95 -10.65 -16.83
C GLN B 1 8.54 -10.86 -16.24
N TRP B 2 8.33 -12.01 -15.61
CA TRP B 2 7.04 -12.34 -14.99
C TRP B 2 7.13 -12.32 -13.46
N SER B 3 8.01 -11.46 -12.93
CA SER B 3 8.19 -11.34 -11.47
C SER B 3 7.97 -9.90 -11.00
N ALA B 4 7.06 -9.18 -11.70
CA ALA B 4 6.75 -7.79 -11.36
C ALA B 4 6.06 -7.69 -10.00
N SER B 5 5.28 -8.72 -9.65
CA SER B 5 4.54 -8.73 -8.38
C SER B 5 5.48 -8.62 -7.17
N ILE B 6 6.58 -9.37 -7.20
CA ILE B 6 7.55 -9.37 -6.09
C ILE B 6 8.34 -8.05 -6.01
N LEU B 7 8.74 -7.51 -7.16
CA LEU B 7 9.53 -6.28 -7.20
C LEU B 7 8.72 -5.07 -6.77
N VAL B 8 7.43 -5.02 -7.09
CA VAL B 8 6.60 -3.89 -6.68
C VAL B 8 6.23 -4.01 -5.19
N VAL B 9 5.81 -5.22 -4.77
CA VAL B 9 5.39 -5.43 -3.39
C VAL B 9 6.53 -5.21 -2.38
N VAL B 10 7.80 -5.48 -2.73
CA VAL B 10 8.87 -5.26 -1.73
C VAL B 10 8.92 -3.76 -1.31
N PRO B 11 9.07 -2.80 -2.23
CA PRO B 11 9.10 -1.35 -1.88
C PRO B 11 7.79 -0.87 -1.26
N ILE B 12 6.66 -1.34 -1.79
CA ILE B 12 5.35 -0.94 -1.26
C ILE B 12 5.19 -1.43 0.19
N PHE B 13 5.67 -2.64 0.47
CA PHE B 13 5.59 -3.22 1.81
C PHE B 13 6.44 -2.43 2.79
N LEU B 14 7.68 -2.10 2.39
CA LEU B 14 8.58 -1.33 3.26
C LEU B 14 7.94 0.03 3.57
N LEU B 15 7.38 0.66 2.52
CA LEU B 15 6.71 1.96 2.66
C LEU B 15 5.53 1.84 3.63
N LEU B 16 4.78 0.75 3.52
CA LEU B 16 3.63 0.51 4.39
C LEU B 16 4.09 0.42 5.84
N THR B 17 5.20 -0.27 6.07
CA THR B 17 5.77 -0.40 7.41
C THR B 17 6.13 0.96 7.98
N GLY B 18 6.73 1.81 7.13
CA GLY B 18 7.13 3.16 7.53
C GLY B 18 5.92 3.98 7.97
N PHE B 19 4.82 3.87 7.20
CA PHE B 19 3.59 4.60 7.53
C PHE B 19 2.98 4.07 8.83
N VAL B 20 3.07 2.76 9.04
CA VAL B 20 2.56 2.14 10.27
C VAL B 20 3.31 2.76 11.45
N HIS B 21 4.62 2.90 11.31
CA HIS B 21 5.46 3.52 12.34
C HIS B 21 5.04 4.99 12.52
N LEU B 22 4.63 5.63 11.40
CA LEU B 22 4.22 7.03 11.42
C LEU B 22 3.04 7.22 12.37
N LEU B 23 2.06 6.33 12.25
CA LEU B 23 0.87 6.37 13.11
C LEU B 23 1.21 5.91 14.54
N PHE B 24 2.08 4.91 14.65
CA PHE B 24 2.48 4.35 15.94
C PHE B 24 3.12 5.41 16.84
N LYS B 25 3.91 6.31 16.25
CA LYS B 25 4.59 7.35 17.02
C LYS B 25 3.58 8.25 17.73
N LEU B 26 2.42 8.49 17.11
CA LEU B 26 1.39 9.36 17.70
C LEU B 26 0.12 8.57 18.09
N SER B 27 0.21 7.25 18.21
CA SER B 27 -0.96 6.43 18.57
C SER B 27 -1.10 6.28 20.11
N PRO B 28 -0.06 5.84 20.83
CA PRO B 28 -0.13 5.66 22.31
C PRO B 28 0.25 6.93 23.06
N ARG B 29 -0.63 7.38 23.96
CA ARG B 29 -0.39 8.58 24.76
C ARG B 29 0.55 8.28 25.95
N LEU B 30 0.76 6.99 26.25
CA LEU B 30 1.63 6.58 27.36
C LEU B 30 3.05 6.33 26.84
N LYS B 31 4.06 6.72 27.64
CA LYS B 31 5.45 6.55 27.27
C LYS B 31 5.75 5.08 26.92
N GLU A 1 -11.44 -5.15 -22.58
CA GLU A 1 -11.28 -5.72 -21.21
C GLU A 1 -11.45 -7.24 -21.25
N GLU A 2 -12.33 -7.72 -22.13
CA GLU A 2 -12.60 -9.15 -22.26
C GLU A 2 -11.45 -9.87 -22.99
N ASN A 3 -10.80 -9.17 -23.92
CA ASN A 3 -9.70 -9.75 -24.69
C ASN A 3 -8.35 -9.62 -23.93
N PRO A 4 -7.97 -8.44 -23.44
CA PRO A 4 -6.67 -8.26 -22.69
C PRO A 4 -6.69 -8.97 -21.32
N SER A 5 -6.68 -10.30 -21.35
CA SER A 5 -6.68 -11.11 -20.12
C SER A 5 -5.38 -10.93 -19.35
N LEU A 6 -4.26 -10.94 -20.08
CA LEU A 6 -2.93 -10.79 -19.46
C LEU A 6 -2.77 -9.42 -18.80
N PHE A 7 -3.50 -8.41 -19.29
CA PHE A 7 -3.40 -7.05 -18.72
C PHE A 7 -4.05 -7.01 -17.33
N ALA A 8 -5.08 -7.82 -17.12
CA ALA A 8 -5.77 -7.87 -15.83
C ALA A 8 -5.11 -8.92 -14.91
N LEU A 9 -3.82 -9.20 -15.13
CA LEU A 9 -3.08 -10.18 -14.34
C LEU A 9 -3.01 -9.77 -12.86
N GLU A 10 -2.35 -10.58 -12.05
CA GLU A 10 -2.24 -10.32 -10.61
C GLU A 10 -1.39 -9.09 -10.23
N ALA A 11 -0.30 -8.85 -10.97
CA ALA A 11 0.61 -7.73 -10.65
C ALA A 11 -0.02 -6.35 -10.80
N VAL A 12 -1.13 -6.22 -11.53
CA VAL A 12 -1.75 -4.90 -11.72
C VAL A 12 -2.75 -4.57 -10.58
N LEU A 13 -3.44 -5.60 -10.09
CA LEU A 13 -4.45 -5.44 -9.03
C LEU A 13 -3.84 -5.24 -7.63
N ILE A 14 -2.76 -5.96 -7.32
CA ILE A 14 -2.15 -5.88 -5.97
C ILE A 14 -1.52 -4.49 -5.66
N PRO A 15 -0.70 -3.90 -6.54
CA PRO A 15 -0.04 -2.58 -6.28
C PRO A 15 -1.04 -1.43 -6.12
N VAL A 16 -2.02 -1.36 -7.02
CA VAL A 16 -3.02 -0.30 -6.97
C VAL A 16 -3.80 -0.38 -5.64
N GLY A 17 -4.13 -1.61 -5.23
CA GLY A 17 -4.88 -1.82 -3.98
C GLY A 17 -4.07 -1.35 -2.76
N THR A 18 -2.81 -1.80 -2.69
CA THR A 18 -1.93 -1.44 -1.57
C THR A 18 -1.66 0.06 -1.56
N VAL A 19 -1.41 0.63 -2.73
CA VAL A 19 -1.16 2.07 -2.85
C VAL A 19 -2.38 2.84 -2.32
N GLY A 20 -3.57 2.35 -2.68
CA GLY A 20 -4.81 2.98 -2.22
C GLY A 20 -4.91 2.92 -0.71
N LEU A 21 -4.49 1.79 -0.11
CA LEU A 21 -4.54 1.62 1.33
C LEU A 21 -3.62 2.64 2.03
N ILE A 22 -2.39 2.75 1.53
CA ILE A 22 -1.39 3.67 2.10
C ILE A 22 -1.89 5.13 2.01
N ILE A 23 -2.36 5.55 0.84
CA ILE A 23 -2.84 6.92 0.65
C ILE A 23 -4.10 7.17 1.52
N THR A 24 -4.91 6.13 1.72
CA THR A 24 -6.11 6.26 2.54
C THR A 24 -5.71 6.49 4.00
N LEU A 25 -4.66 5.78 4.45
CA LEU A 25 -4.20 5.93 5.84
C LEU A 25 -3.67 7.35 6.09
N ILE A 26 -2.81 7.85 5.21
CA ILE A 26 -2.26 9.21 5.39
C ILE A 26 -3.38 10.26 5.33
N PHE A 27 -4.34 10.08 4.42
CA PHE A 27 -5.47 11.01 4.27
C PHE A 27 -6.33 11.00 5.54
N VAL A 28 -6.54 9.80 6.09
CA VAL A 28 -7.35 9.61 7.29
C VAL A 28 -6.68 10.29 8.50
N TYR A 29 -5.37 10.09 8.63
CA TYR A 29 -4.61 10.69 9.75
C TYR A 29 -4.60 12.21 9.62
N PHE A 30 -4.48 12.71 8.39
CA PHE A 30 -4.46 14.15 8.14
C PHE A 30 -5.83 14.76 8.48
N TRP A 31 -6.91 14.04 8.14
CA TRP A 31 -8.26 14.51 8.41
C TRP A 31 -8.50 14.61 9.91
N LEU A 32 -8.12 13.56 10.64
CA LEU A 32 -8.30 13.53 12.10
C LEU A 32 -7.49 14.66 12.74
N GLU A 33 -6.24 14.83 12.30
CA GLU A 33 -5.36 15.88 12.82
C GLU A 33 -5.12 15.70 14.32
N ARG A 34 -3.96 16.18 14.79
CA ARG A 34 -3.61 16.07 16.20
C ARG A 34 -3.78 17.42 16.91
N GLN B 1 6.52 -12.85 -15.59
CA GLN B 1 5.31 -12.27 -14.94
C GLN B 1 5.39 -12.46 -13.42
N TRP B 2 6.60 -12.37 -12.86
CA TRP B 2 6.82 -12.54 -11.42
C TRP B 2 7.79 -11.47 -10.87
N SER B 3 8.62 -10.89 -11.74
CA SER B 3 9.58 -9.87 -11.31
C SER B 3 8.87 -8.58 -10.91
N ALA B 4 7.86 -8.19 -11.71
CA ALA B 4 7.11 -6.96 -11.45
C ALA B 4 6.42 -7.00 -10.08
N SER B 5 5.79 -8.14 -9.76
CA SER B 5 5.08 -8.29 -8.50
C SER B 5 6.02 -8.19 -7.29
N ILE B 6 7.18 -8.85 -7.35
CA ILE B 6 8.14 -8.83 -6.23
C ILE B 6 8.81 -7.46 -6.08
N LEU B 7 9.23 -6.86 -7.20
CA LEU B 7 9.92 -5.56 -7.14
C LEU B 7 8.97 -4.44 -6.75
N VAL B 8 7.71 -4.53 -7.12
CA VAL B 8 6.72 -3.51 -6.75
C VAL B 8 6.30 -3.69 -5.26
N VAL B 9 5.95 -4.94 -4.92
CA VAL B 9 5.51 -5.28 -3.57
C VAL B 9 6.57 -5.01 -2.50
N VAL B 10 7.88 -5.12 -2.81
CA VAL B 10 8.90 -4.87 -1.76
C VAL B 10 8.81 -3.39 -1.26
N PRO B 11 8.92 -2.38 -2.14
CA PRO B 11 8.83 -0.94 -1.73
C PRO B 11 7.47 -0.59 -1.13
N ILE B 12 6.39 -1.12 -1.72
CA ILE B 12 5.05 -0.81 -1.21
C ILE B 12 4.88 -1.39 0.20
N PHE B 13 5.34 -2.63 0.41
CA PHE B 13 5.24 -3.28 1.71
C PHE B 13 6.03 -2.46 2.74
N LEU B 14 7.22 -1.99 2.35
CA LEU B 14 8.03 -1.16 3.23
C LEU B 14 7.25 0.12 3.57
N LEU B 15 6.48 0.62 2.60
CA LEU B 15 5.66 1.82 2.78
C LEU B 15 4.59 1.60 3.86
N LEU B 16 3.94 0.42 3.80
CA LEU B 16 2.90 0.08 4.76
C LEU B 16 3.48 -0.09 6.16
N THR B 17 4.65 -0.74 6.25
CA THR B 17 5.33 -0.93 7.53
C THR B 17 5.70 0.44 8.12
N GLY B 18 6.12 1.36 7.23
CA GLY B 18 6.50 2.70 7.64
C GLY B 18 5.27 3.47 8.14
N PHE B 19 4.10 3.21 7.53
CA PHE B 19 2.86 3.86 7.92
C PHE B 19 2.42 3.41 9.32
N VAL B 20 2.40 2.10 9.57
CA VAL B 20 2.02 1.59 10.90
C VAL B 20 3.01 2.14 11.93
N HIS B 21 4.30 2.18 11.55
CA HIS B 21 5.34 2.73 12.42
C HIS B 21 5.05 4.21 12.68
N LEU B 22 4.50 4.91 11.67
CA LEU B 22 4.16 6.32 11.78
C LEU B 22 3.10 6.52 12.86
N LEU B 23 2.09 5.65 12.85
CA LEU B 23 1.01 5.71 13.83
C LEU B 23 1.56 5.47 15.25
N PHE B 24 2.45 4.49 15.37
CA PHE B 24 3.06 4.18 16.67
C PHE B 24 3.88 5.37 17.20
N LYS B 25 4.62 6.01 16.29
CA LYS B 25 5.45 7.16 16.65
C LYS B 25 4.58 8.35 17.08
N LEU B 26 3.44 8.52 16.40
CA LEU B 26 2.52 9.62 16.71
C LEU B 26 1.57 9.26 17.87
N SER B 27 1.51 7.98 18.24
CA SER B 27 0.65 7.52 19.33
C SER B 27 1.50 6.98 20.51
N PRO B 28 1.73 7.77 21.56
CA PRO B 28 2.56 7.32 22.73
C PRO B 28 2.23 5.88 23.16
N ARG B 29 3.26 5.03 23.18
CA ARG B 29 3.08 3.62 23.59
C ARG B 29 3.28 3.43 25.11
N LEU B 30 3.52 4.52 25.84
CA LEU B 30 3.71 4.44 27.29
C LEU B 30 2.36 4.35 28.01
N LYS B 31 2.25 3.41 28.95
CA LYS B 31 1.02 3.20 29.70
C LYS B 31 1.31 3.11 31.21
N GLU A 1 -7.94 -11.01 -35.40
CA GLU A 1 -8.95 -11.31 -34.33
C GLU A 1 -8.21 -11.55 -33.01
N GLU A 2 -7.96 -10.47 -32.27
CA GLU A 2 -7.26 -10.56 -30.99
C GLU A 2 -8.09 -9.90 -29.88
N ASN A 3 -7.59 -9.98 -28.63
CA ASN A 3 -8.29 -9.40 -27.49
C ASN A 3 -7.28 -8.90 -26.43
N PRO A 4 -7.58 -7.83 -25.68
CA PRO A 4 -6.67 -7.30 -24.64
C PRO A 4 -6.88 -7.99 -23.28
N SER A 5 -7.14 -9.29 -23.32
CA SER A 5 -7.37 -10.08 -22.11
C SER A 5 -6.16 -10.01 -21.16
N LEU A 6 -4.95 -9.89 -21.73
CA LEU A 6 -3.72 -9.82 -20.94
C LEU A 6 -3.61 -8.50 -20.20
N PHE A 7 -4.24 -7.43 -20.71
CA PHE A 7 -4.15 -6.12 -20.04
C PHE A 7 -4.94 -6.14 -18.73
N ALA A 8 -5.78 -7.17 -18.53
CA ALA A 8 -6.51 -7.33 -17.27
C ALA A 8 -5.57 -8.11 -16.32
N LEU A 9 -4.34 -7.59 -16.23
CA LEU A 9 -3.27 -8.19 -15.45
C LEU A 9 -3.56 -8.16 -13.95
N GLU A 10 -3.41 -9.30 -13.29
CA GLU A 10 -3.63 -9.39 -11.85
C GLU A 10 -2.53 -8.61 -11.10
N ALA A 11 -1.30 -8.68 -11.63
CA ALA A 11 -0.13 -8.03 -11.02
C ALA A 11 -0.17 -6.50 -11.12
N VAL A 12 -1.00 -5.93 -12.00
CA VAL A 12 -1.04 -4.47 -12.18
C VAL A 12 -1.98 -3.78 -11.18
N LEU A 13 -3.12 -4.40 -10.87
CA LEU A 13 -4.09 -3.82 -9.93
C LEU A 13 -3.67 -4.02 -8.48
N ILE A 14 -3.26 -5.25 -8.13
CA ILE A 14 -2.85 -5.57 -6.76
C ILE A 14 -1.86 -4.51 -6.18
N PRO A 15 -0.78 -4.14 -6.87
CA PRO A 15 0.20 -3.15 -6.34
C PRO A 15 -0.43 -1.77 -6.14
N VAL A 16 -1.26 -1.35 -7.10
CA VAL A 16 -1.94 -0.06 -7.01
C VAL A 16 -2.92 -0.08 -5.82
N GLY A 17 -3.52 -1.25 -5.57
CA GLY A 17 -4.47 -1.40 -4.46
C GLY A 17 -3.81 -1.11 -3.12
N THR A 18 -2.62 -1.69 -2.90
CA THR A 18 -1.88 -1.50 -1.66
C THR A 18 -1.49 -0.03 -1.50
N VAL A 19 -1.03 0.58 -2.59
CA VAL A 19 -0.63 1.99 -2.58
C VAL A 19 -1.80 2.85 -2.10
N GLY A 20 -2.98 2.58 -2.66
CA GLY A 20 -4.19 3.29 -2.28
C GLY A 20 -4.49 3.05 -0.80
N LEU A 21 -4.21 1.83 -0.32
CA LEU A 21 -4.45 1.48 1.08
C LEU A 21 -3.61 2.36 2.00
N ILE A 22 -2.30 2.44 1.74
CA ILE A 22 -1.40 3.24 2.57
C ILE A 22 -1.85 4.72 2.56
N ILE A 23 -2.07 5.26 1.35
CA ILE A 23 -2.51 6.64 1.22
C ILE A 23 -3.83 6.86 1.99
N THR A 24 -4.68 5.83 2.04
CA THR A 24 -5.94 5.90 2.75
C THR A 24 -5.66 6.04 4.25
N LEU A 25 -4.70 5.27 4.76
CA LEU A 25 -4.36 5.32 6.19
C LEU A 25 -3.86 6.71 6.59
N ILE A 26 -2.92 7.27 5.82
CA ILE A 26 -2.38 8.60 6.13
C ILE A 26 -3.50 9.66 6.04
N PHE A 27 -4.37 9.52 5.04
CA PHE A 27 -5.49 10.46 4.87
C PHE A 27 -6.44 10.36 6.07
N VAL A 28 -6.61 9.13 6.58
CA VAL A 28 -7.48 8.87 7.73
C VAL A 28 -6.92 9.59 8.97
N TYR A 29 -5.61 9.47 9.19
CA TYR A 29 -4.98 10.13 10.33
C TYR A 29 -5.15 11.65 10.21
N PHE A 30 -4.97 12.17 9.00
CA PHE A 30 -5.11 13.60 8.74
C PHE A 30 -6.53 14.06 9.08
N TRP A 31 -7.52 13.24 8.70
CA TRP A 31 -8.93 13.55 8.95
C TRP A 31 -9.19 13.64 10.45
N LEU A 32 -8.69 12.65 11.20
CA LEU A 32 -8.88 12.60 12.65
C LEU A 32 -8.26 13.84 13.31
N GLU A 33 -7.03 14.16 12.93
CA GLU A 33 -6.32 15.32 13.47
C GLU A 33 -4.98 15.51 12.73
N ARG A 34 -4.38 16.69 12.90
CA ARG A 34 -3.10 17.00 12.26
C ARG A 34 -2.03 15.99 12.67
N GLN B 1 11.64 -11.60 -17.76
CA GLN B 1 10.38 -12.18 -17.23
C GLN B 1 10.38 -12.10 -15.69
N TRP B 2 10.95 -11.02 -15.16
CA TRP B 2 11.01 -10.82 -13.71
C TRP B 2 9.61 -10.52 -13.15
N SER B 3 9.15 -11.39 -12.23
CA SER B 3 7.84 -11.21 -11.61
C SER B 3 7.71 -9.81 -10.99
N ALA B 4 6.96 -8.94 -11.67
CA ALA B 4 6.78 -7.56 -11.22
C ALA B 4 6.02 -7.44 -9.90
N SER B 5 5.11 -8.38 -9.63
CA SER B 5 4.30 -8.33 -8.40
C SER B 5 5.17 -8.36 -7.15
N ILE B 6 6.17 -9.24 -7.10
CA ILE B 6 7.07 -9.35 -5.94
C ILE B 6 8.02 -8.15 -5.83
N LEU B 7 8.47 -7.63 -6.99
CA LEU B 7 9.41 -6.52 -7.00
C LEU B 7 8.75 -5.23 -6.50
N VAL B 8 7.50 -5.00 -6.87
CA VAL B 8 6.79 -3.80 -6.38
C VAL B 8 6.36 -4.03 -4.91
N VAL B 9 5.99 -5.28 -4.59
CA VAL B 9 5.56 -5.64 -3.25
C VAL B 9 6.66 -5.36 -2.20
N VAL B 10 7.95 -5.59 -2.52
CA VAL B 10 8.99 -5.33 -1.50
C VAL B 10 8.99 -3.83 -1.05
N PRO B 11 9.13 -2.85 -1.96
CA PRO B 11 9.12 -1.41 -1.59
C PRO B 11 7.79 -0.98 -0.95
N ILE B 12 6.67 -1.48 -1.50
CA ILE B 12 5.35 -1.15 -0.97
C ILE B 12 5.20 -1.68 0.46
N PHE B 13 5.77 -2.86 0.73
CA PHE B 13 5.70 -3.45 2.06
C PHE B 13 6.48 -2.61 3.07
N LEU B 14 7.71 -2.22 2.68
CA LEU B 14 8.56 -1.39 3.54
C LEU B 14 7.86 -0.05 3.82
N LEU B 15 7.20 0.47 2.79
CA LEU B 15 6.48 1.73 2.89
C LEU B 15 5.24 1.57 3.79
N LEU B 16 4.60 0.40 3.73
CA LEU B 16 3.41 0.14 4.55
C LEU B 16 3.78 0.14 6.04
N THR B 17 4.88 -0.56 6.37
CA THR B 17 5.35 -0.60 7.75
C THR B 17 5.83 0.77 8.20
N GLY B 18 6.45 1.51 7.27
CA GLY B 18 6.95 2.86 7.56
C GLY B 18 5.78 3.78 7.95
N PHE B 19 4.66 3.65 7.24
CA PHE B 19 3.46 4.47 7.52
C PHE B 19 2.86 4.07 8.87
N VAL B 20 2.84 2.77 9.19
CA VAL B 20 2.30 2.33 10.49
C VAL B 20 3.15 2.98 11.60
N HIS B 21 4.47 2.96 11.42
CA HIS B 21 5.39 3.56 12.38
C HIS B 21 5.11 5.07 12.48
N LEU B 22 4.78 5.70 11.34
CA LEU B 22 4.47 7.12 11.31
C LEU B 22 3.27 7.42 12.20
N LEU B 23 2.25 6.58 12.11
CA LEU B 23 1.03 6.73 12.91
C LEU B 23 1.35 6.58 14.40
N PHE B 24 2.17 5.58 14.73
CA PHE B 24 2.55 5.32 16.12
C PHE B 24 3.29 6.54 16.71
N LYS B 25 4.23 7.09 15.94
CA LYS B 25 5.02 8.24 16.38
C LYS B 25 4.13 9.47 16.60
N LEU B 26 3.12 9.63 15.75
CA LEU B 26 2.21 10.77 15.86
C LEU B 26 1.06 10.51 16.85
N SER B 27 0.93 9.25 17.33
CA SER B 27 -0.12 8.89 18.27
C SER B 27 0.50 8.50 19.64
N PRO B 28 -0.17 8.79 20.76
CA PRO B 28 0.37 8.44 22.12
C PRO B 28 0.52 6.93 22.31
N ARG B 29 1.14 6.52 23.43
CA ARG B 29 1.35 5.10 23.72
C ARG B 29 0.06 4.43 24.24
N LEU B 30 -1.05 5.19 24.32
CA LEU B 30 -2.31 4.63 24.80
C LEU B 30 -2.94 3.72 23.73
N LYS B 31 -3.40 2.54 24.16
CA LYS B 31 -4.01 1.57 23.25
C LYS B 31 -5.15 2.22 22.46
N GLU A 1 -16.21 -13.62 -17.10
CA GLU A 1 -15.81 -14.69 -18.06
C GLU A 1 -14.75 -15.58 -17.40
N GLU A 2 -14.33 -16.63 -18.12
CA GLU A 2 -13.34 -17.58 -17.61
C GLU A 2 -12.12 -17.66 -18.54
N ASN A 3 -12.34 -17.44 -19.85
CA ASN A 3 -11.25 -17.49 -20.83
C ASN A 3 -10.19 -16.41 -20.53
N PRO A 4 -10.57 -15.14 -20.40
CA PRO A 4 -9.59 -14.04 -20.12
C PRO A 4 -9.29 -13.89 -18.62
N SER A 5 -9.24 -15.02 -17.91
CA SER A 5 -8.96 -15.01 -16.47
C SER A 5 -7.56 -14.46 -16.18
N LEU A 6 -6.62 -14.69 -17.10
CA LEU A 6 -5.24 -14.22 -16.94
C LEU A 6 -5.19 -12.69 -16.82
N PHE A 7 -6.18 -11.97 -17.38
CA PHE A 7 -6.17 -10.51 -17.29
C PHE A 7 -6.47 -10.04 -15.85
N ALA A 8 -6.73 -10.98 -14.94
CA ALA A 8 -6.95 -10.65 -13.53
C ALA A 8 -5.60 -10.73 -12.79
N LEU A 9 -4.54 -10.25 -13.47
CA LEU A 9 -3.17 -10.26 -12.96
C LEU A 9 -3.13 -9.83 -11.49
N GLU A 10 -2.52 -10.66 -10.65
CA GLU A 10 -2.41 -10.35 -9.24
C GLU A 10 -1.46 -9.16 -9.01
N ALA A 11 -0.40 -9.08 -9.81
CA ALA A 11 0.60 -8.02 -9.68
C ALA A 11 0.14 -6.67 -10.21
N VAL A 12 -0.92 -6.63 -11.02
CA VAL A 12 -1.36 -5.34 -11.59
C VAL A 12 -2.34 -4.61 -10.64
N LEU A 13 -3.30 -5.35 -10.07
CA LEU A 13 -4.31 -4.76 -9.16
C LEU A 13 -3.77 -4.50 -7.75
N ILE A 14 -3.09 -5.51 -7.18
CA ILE A 14 -2.56 -5.40 -5.80
C ILE A 14 -1.75 -4.09 -5.55
N PRO A 15 -0.83 -3.68 -6.43
CA PRO A 15 -0.01 -2.44 -6.19
C PRO A 15 -0.90 -1.20 -6.08
N VAL A 16 -1.86 -1.08 -6.99
CA VAL A 16 -2.79 0.06 -6.98
C VAL A 16 -3.59 0.05 -5.66
N GLY A 17 -3.99 -1.14 -5.22
CA GLY A 17 -4.76 -1.30 -3.99
C GLY A 17 -3.94 -0.83 -2.77
N THR A 18 -2.68 -1.27 -2.70
CA THR A 18 -1.79 -0.91 -1.61
C THR A 18 -1.55 0.60 -1.60
N VAL A 19 -1.35 1.18 -2.78
CA VAL A 19 -1.14 2.61 -2.91
C VAL A 19 -2.36 3.34 -2.32
N GLY A 20 -3.54 2.83 -2.66
CA GLY A 20 -4.78 3.40 -2.14
C GLY A 20 -4.83 3.31 -0.62
N LEU A 21 -4.33 2.19 -0.06
CA LEU A 21 -4.31 2.01 1.39
C LEU A 21 -3.43 3.06 2.06
N ILE A 22 -2.24 3.28 1.52
CA ILE A 22 -1.29 4.26 2.06
C ILE A 22 -1.92 5.67 2.03
N ILE A 23 -2.48 6.04 0.87
CA ILE A 23 -3.13 7.34 0.71
C ILE A 23 -4.27 7.47 1.72
N THR A 24 -5.00 6.38 1.94
CA THR A 24 -6.11 6.38 2.89
C THR A 24 -5.60 6.72 4.28
N LEU A 25 -4.46 6.14 4.66
CA LEU A 25 -3.86 6.41 5.97
C LEU A 25 -3.52 7.90 6.10
N ILE A 26 -2.97 8.50 5.03
CA ILE A 26 -2.63 9.93 5.08
C ILE A 26 -3.92 10.74 5.33
N PHE A 27 -4.98 10.38 4.62
CA PHE A 27 -6.29 11.04 4.76
C PHE A 27 -6.82 10.85 6.19
N VAL A 28 -6.53 9.70 6.80
CA VAL A 28 -6.97 9.40 8.15
C VAL A 28 -6.28 10.36 9.13
N TYR A 29 -4.97 10.56 8.94
CA TYR A 29 -4.20 11.48 9.80
C TYR A 29 -4.78 12.89 9.68
N PHE A 30 -5.01 13.34 8.45
CA PHE A 30 -5.56 14.67 8.20
C PHE A 30 -6.92 14.81 8.88
N TRP A 31 -7.72 13.75 8.84
CA TRP A 31 -9.05 13.75 9.44
C TRP A 31 -8.93 13.94 10.96
N LEU A 32 -7.97 13.24 11.57
CA LEU A 32 -7.75 13.33 13.01
C LEU A 32 -7.36 14.76 13.41
N GLU A 33 -6.41 15.34 12.66
CA GLU A 33 -5.95 16.71 12.94
C GLU A 33 -6.71 17.73 12.08
N ARG A 34 -7.56 18.53 12.73
CA ARG A 34 -8.35 19.55 12.04
C ARG A 34 -7.61 20.89 12.04
N GLN B 1 12.02 -15.29 -15.88
CA GLN B 1 11.14 -14.98 -14.72
C GLN B 1 10.87 -13.47 -14.67
N TRP B 2 9.60 -13.09 -14.75
CA TRP B 2 9.20 -11.68 -14.71
C TRP B 2 9.51 -11.08 -13.34
N SER B 3 9.17 -11.81 -12.27
CA SER B 3 9.41 -11.34 -10.90
C SER B 3 8.84 -9.93 -10.69
N ALA B 4 7.80 -9.58 -11.46
CA ALA B 4 7.16 -8.26 -11.35
C ALA B 4 6.48 -8.10 -9.99
N SER B 5 5.74 -9.13 -9.57
CA SER B 5 5.02 -9.09 -8.29
C SER B 5 5.96 -8.87 -7.11
N ILE B 6 7.09 -9.58 -7.08
CA ILE B 6 8.04 -9.46 -5.96
C ILE B 6 8.77 -8.10 -6.01
N LEU B 7 9.06 -7.61 -7.22
CA LEU B 7 9.77 -6.35 -7.38
C LEU B 7 8.92 -5.16 -6.94
N VAL B 8 7.62 -5.20 -7.23
CA VAL B 8 6.72 -4.12 -6.80
C VAL B 8 6.42 -4.26 -5.28
N VAL B 9 6.21 -5.52 -4.86
CA VAL B 9 5.89 -5.84 -3.47
C VAL B 9 6.98 -5.34 -2.50
N VAL B 10 8.27 -5.42 -2.85
CA VAL B 10 9.31 -4.98 -1.91
C VAL B 10 9.20 -3.45 -1.59
N PRO B 11 9.23 -2.54 -2.58
CA PRO B 11 9.13 -1.07 -2.32
C PRO B 11 7.80 -0.66 -1.69
N ILE B 12 6.69 -1.25 -2.17
CA ILE B 12 5.37 -0.90 -1.63
C ILE B 12 5.25 -1.39 -0.18
N PHE B 13 5.79 -2.58 0.09
CA PHE B 13 5.75 -3.16 1.43
C PHE B 13 6.58 -2.29 2.38
N LEU B 14 7.72 -1.79 1.90
CA LEU B 14 8.57 -0.92 2.73
C LEU B 14 7.80 0.35 3.11
N LEU B 15 7.12 0.94 2.11
CA LEU B 15 6.33 2.16 2.34
C LEU B 15 5.17 1.89 3.33
N LEU B 16 4.49 0.75 3.17
CA LEU B 16 3.37 0.40 4.04
C LEU B 16 3.86 0.22 5.48
N THR B 17 4.97 -0.51 5.66
CA THR B 17 5.53 -0.73 6.99
C THR B 17 5.89 0.60 7.64
N GLY B 18 6.47 1.51 6.84
CA GLY B 18 6.84 2.83 7.34
C GLY B 18 5.58 3.55 7.83
N PHE B 19 4.46 3.35 7.11
CA PHE B 19 3.20 3.98 7.49
C PHE B 19 2.69 3.38 8.83
N VAL B 20 2.87 2.06 9.01
CA VAL B 20 2.46 1.41 10.26
C VAL B 20 3.22 2.05 11.42
N HIS B 21 4.52 2.26 11.23
CA HIS B 21 5.36 2.90 12.25
C HIS B 21 4.90 4.34 12.47
N LEU B 22 4.45 4.99 11.39
CA LEU B 22 3.97 6.38 11.46
C LEU B 22 2.79 6.50 12.40
N LEU B 23 1.83 5.58 12.27
CA LEU B 23 0.63 5.59 13.13
C LEU B 23 0.96 5.12 14.55
N PHE B 24 1.84 4.12 14.66
CA PHE B 24 2.24 3.58 15.97
C PHE B 24 2.84 4.70 16.82
N LYS B 25 3.74 5.48 16.23
CA LYS B 25 4.37 6.60 16.93
C LYS B 25 3.29 7.60 17.35
N LEU B 26 2.25 7.72 16.52
CA LEU B 26 1.13 8.62 16.77
C LEU B 26 -0.03 7.90 17.49
N SER B 27 0.24 6.72 18.07
CA SER B 27 -0.79 5.95 18.77
C SER B 27 -0.82 6.29 20.28
N PRO B 28 0.32 6.25 20.99
CA PRO B 28 0.34 6.56 22.46
C PRO B 28 0.25 8.06 22.73
N ARG B 29 -0.81 8.47 23.42
CA ARG B 29 -1.01 9.89 23.76
C ARG B 29 -0.38 10.25 25.12
N LEU B 30 0.21 9.26 25.80
CA LEU B 30 0.84 9.49 27.11
C LEU B 30 2.35 9.71 26.97
N LYS B 31 2.94 10.41 27.94
CA LYS B 31 4.38 10.68 27.92
C LYS B 31 5.17 9.42 28.28
#